data_8YJL
#
_entry.id   8YJL
#
_cell.length_a   1.00
_cell.length_b   1.00
_cell.length_c   1.00
_cell.angle_alpha   90.00
_cell.angle_beta   90.00
_cell.angle_gamma   90.00
#
_symmetry.space_group_name_H-M   'P 1'
#
loop_
_entity.id
_entity.type
_entity.pdbx_description
1 polymer 'upstream DNA'
2 polymer 'parent strand'
3 polymer 'downstream DNA'
4 polymer '5 prime DNA'
5 polymer 'Proliferating cell nuclear antigen'
6 polymer 'Flap endonuclease 1'
#
loop_
_entity_poly.entity_id
_entity_poly.type
_entity_poly.pdbx_seq_one_letter_code
_entity_poly.pdbx_strand_id
1 'polydeoxyribonucleotide' (DT)(DT)(DT)(DT)(DA)(DA)(DT)(DT)(DT)(DA)(DT)(DA)(DT)(DT)(DT)(DT)(DT) J
2 'polydeoxyribonucleotide'
;(DA)(DT)(DT)(DA)(DT)(DA)(DT)(DT)(DT)(DT)(DA)(DA)(DA)(DA)(DA)(DA)(DT)(DA)(DT)(DA)
(DA)(DA)(DT)(DT)(DA)(DA)(DA)(DA)
;
E
3 'polydeoxyribonucleotide' (DT)(DA)(DA)(DA)(DA)(DT)(DA)(DT)(DA)(DA)(DT) F
4 'polydeoxyribonucleotide' (DT)(DT)(DT) H
5 'polypeptide(L)'
;MFEARLVQGSILKKVLEALKDLINEACWDISSSGVNLQSMDSSHVSLVQLTLRSEGFDTYRCDRNLAMGVNLTSMSKILK
CAGNEDIITLRAEDNADTLALVFEAPNQEKVSDYEMKLMDLDVEQLGIPEQEYSCVVKMPSGEFARICRDLSHIGDAVVI
SCAKDGVKFSASGELGNGNIKLSQTSNVDKEEEAVTIEMNEPVQLTFALRYLNFFTKATPLSSTVTLSMSADVPLVVEYK
IADMGHLKYYLAPKIEDEEGS
;
C,B,A
6 'polypeptide(L)'
;MGIQGLAKLIADVAPSAIRENDIKSYFGRKVAIDASMSIYQFLIAVRQGGDVLQNEEGETTSHLMGMFYRTIRMMENGIK
PVYVFDGKPPQLKSGELAKRSERRAEAEKQLQQAQAAGAEQEVEKFTKRLVKVTKQHNDECKHLLSLMGIPYLDAPSEAE
ASCAALVKAGKVYAAATEDMDCLTFGSPVLMRHLTASEAKKLPIQEFHLSRILQELGLNQEQFVDLCILLGSDYCESIRG
IGPKRAVDLIQKHKSIEEIVRRLDPNKYPVPENWLHKEAHQLFLEPEVLDPESVELKWSEPNEEELIKFMCGEKQFSEER
IRSGVKRLSKSRQGSTQGRLDDFFKVTGSLSSAKRKEPEPKGSTKKKAKTGAAGKFKRGK
;
D
#
loop_
_chem_comp.id
_chem_comp.type
_chem_comp.name
_chem_comp.formula
DA DNA linking 2'-DEOXYADENOSINE-5'-MONOPHOSPHATE 'C10 H14 N5 O6 P'
DT DNA linking THYMIDINE-5'-MONOPHOSPHATE 'C10 H15 N2 O8 P'
#
# COMPACT_ATOMS: atom_id res chain seq x y z
N MET E 1 26.98 -9.99 24.33
CA MET E 1 26.70 -10.65 25.60
C MET E 1 25.43 -11.48 25.47
N PHE E 2 24.69 -11.26 24.39
CA PHE E 2 23.36 -11.83 24.20
C PHE E 2 23.39 -12.79 23.03
N GLU E 3 23.04 -14.05 23.28
CA GLU E 3 23.01 -15.09 22.27
C GLU E 3 21.70 -15.84 22.42
N ALA E 4 21.02 -16.08 21.30
CA ALA E 4 19.68 -16.67 21.33
C ALA E 4 19.47 -17.48 20.06
N ARG E 5 19.70 -18.78 20.14
CA ARG E 5 19.49 -19.70 19.02
C ARG E 5 18.12 -20.33 19.17
N LEU E 6 17.26 -20.10 18.17
CA LEU E 6 15.88 -20.57 18.19
C LEU E 6 15.69 -21.36 16.90
N VAL E 7 15.13 -22.56 17.01
CA VAL E 7 15.28 -23.55 15.94
C VAL E 7 14.36 -23.34 14.74
N GLN E 8 13.40 -22.43 14.83
CA GLN E 8 12.46 -22.24 13.72
C GLN E 8 12.32 -20.76 13.35
N GLY E 9 12.43 -20.46 12.07
CA GLY E 9 12.37 -19.08 11.65
C GLY E 9 10.96 -18.52 11.58
N SER E 10 9.98 -19.41 11.71
CA SER E 10 8.58 -19.04 11.50
C SER E 10 8.08 -18.12 12.59
N ILE E 11 8.52 -18.31 13.84
CA ILE E 11 8.02 -17.52 14.96
C ILE E 11 8.48 -16.07 14.85
N LEU E 12 9.77 -15.84 14.61
CA LEU E 12 10.28 -14.49 14.50
C LEU E 12 9.83 -13.84 13.19
N LYS E 13 9.68 -14.64 12.13
CA LYS E 13 9.17 -14.13 10.86
C LYS E 13 7.72 -13.66 10.99
N LYS E 14 6.89 -14.41 11.71
CA LYS E 14 5.49 -14.03 11.86
C LYS E 14 5.33 -12.89 12.85
N VAL E 15 6.20 -12.82 13.87
CA VAL E 15 6.24 -11.68 14.79
C VAL E 15 6.58 -10.39 14.05
N LEU E 16 7.60 -10.43 13.19
CA LEU E 16 7.94 -9.20 12.47
C LEU E 16 7.02 -8.92 11.29
N GLU E 17 6.33 -9.92 10.75
CA GLU E 17 5.25 -9.64 9.82
C GLU E 17 4.06 -9.02 10.51
N ALA E 18 3.88 -9.34 11.79
CA ALA E 18 2.85 -8.68 12.58
C ALA E 18 3.22 -7.24 12.92
N LEU E 19 4.50 -6.99 13.21
CA LEU E 19 4.94 -5.68 13.67
C LEU E 19 5.60 -4.82 12.61
N LYS E 20 5.59 -5.22 11.34
CA LYS E 20 6.28 -4.44 10.33
C LYS E 20 5.54 -3.17 9.93
N ASP E 21 4.24 -3.08 10.21
CA ASP E 21 3.44 -1.96 9.73
C ASP E 21 2.52 -1.31 10.75
N LEU E 22 2.19 -1.99 11.85
CA LEU E 22 1.49 -1.30 12.94
C LEU E 22 2.38 -0.26 13.58
N ILE E 23 3.58 -0.67 13.97
CA ILE E 23 4.61 0.22 14.48
C ILE E 23 5.81 0.15 13.54
N ASN E 24 6.59 1.23 13.51
CA ASN E 24 7.66 1.35 12.54
C ASN E 24 9.07 1.42 13.11
N GLU E 25 9.23 1.70 14.40
CA GLU E 25 10.47 1.36 15.11
C GLU E 25 10.13 1.02 16.55
N ALA E 26 10.98 0.19 17.17
CA ALA E 26 10.70 -0.27 18.52
C ALA E 26 12.01 -0.66 19.19
N CYS E 27 11.96 -0.71 20.53
CA CYS E 27 13.14 -0.93 21.36
C CYS E 27 12.94 -2.22 22.15
N TRP E 28 13.65 -3.27 21.74
CA TRP E 28 13.56 -4.56 22.40
C TRP E 28 14.32 -4.52 23.72
N ASP E 29 13.66 -4.98 24.78
CA ASP E 29 14.25 -5.06 26.11
C ASP E 29 14.58 -6.52 26.41
N ILE E 30 15.88 -6.83 26.52
CA ILE E 30 16.33 -8.20 26.60
C ILE E 30 17.02 -8.41 27.94
N SER E 31 16.48 -9.32 28.73
CA SER E 31 17.06 -9.70 30.01
C SER E 31 17.37 -11.19 29.99
N SER E 32 17.80 -11.72 31.13
CA SER E 32 18.06 -13.14 31.24
C SER E 32 16.79 -13.97 31.37
N SER E 33 15.67 -13.33 31.70
CA SER E 33 14.39 -14.03 31.83
C SER E 33 13.62 -14.13 30.52
N GLY E 34 14.11 -13.51 29.46
CA GLY E 34 13.45 -13.56 28.17
C GLY E 34 13.63 -12.26 27.41
N VAL E 35 12.95 -12.18 26.27
CA VAL E 35 13.02 -11.02 25.39
C VAL E 35 11.64 -10.37 25.36
N ASN E 36 11.55 -9.13 25.81
CA ASN E 36 10.29 -8.42 25.87
C ASN E 36 10.32 -7.22 24.93
N LEU E 37 9.13 -6.72 24.62
CA LEU E 37 8.96 -5.56 23.76
C LEU E 37 7.64 -4.92 24.15
N GLN E 38 7.70 -3.88 24.98
CA GLN E 38 6.52 -3.09 25.32
C GLN E 38 6.61 -1.83 24.47
N SER E 39 6.19 -1.94 23.23
CA SER E 39 6.34 -0.86 22.27
C SER E 39 5.03 -0.11 22.10
N MET E 40 5.13 1.16 21.77
CA MET E 40 4.00 2.06 21.80
C MET E 40 3.84 2.66 20.40
N ASP E 41 2.60 2.70 19.92
CA ASP E 41 2.33 3.11 18.55
C ASP E 41 2.55 4.61 18.37
N SER E 42 2.96 4.99 17.16
CA SER E 42 3.12 6.40 16.82
C SER E 42 1.77 7.10 16.70
N SER E 43 0.71 6.35 16.45
CA SER E 43 -0.65 6.86 16.45
C SER E 43 -1.21 7.04 17.86
N HIS E 44 -0.46 6.59 18.88
CA HIS E 44 -0.74 6.79 20.30
C HIS E 44 -2.03 6.12 20.76
N VAL E 45 -2.44 5.07 20.04
CA VAL E 45 -3.65 4.34 20.39
C VAL E 45 -3.41 2.85 20.63
N SER E 46 -2.34 2.26 20.10
CA SER E 46 -2.06 0.84 20.24
C SER E 46 -0.80 0.60 21.05
N LEU E 47 -0.79 -0.51 21.78
CA LEU E 47 0.38 -0.96 22.51
C LEU E 47 0.66 -2.39 22.11
N VAL E 48 1.93 -2.74 22.06
CA VAL E 48 2.36 -4.11 21.82
C VAL E 48 3.11 -4.59 23.05
N GLN E 49 2.67 -5.71 23.62
CA GLN E 49 3.39 -6.37 24.70
C GLN E 49 3.81 -7.73 24.14
N LEU E 50 5.04 -7.81 23.64
CA LEU E 50 5.59 -9.05 23.12
C LEU E 50 6.50 -9.66 24.17
N THR E 51 6.31 -10.95 24.44
CA THR E 51 7.14 -11.66 25.40
C THR E 51 7.53 -13.00 24.80
N LEU E 52 8.83 -13.23 24.64
CA LEU E 52 9.35 -14.52 24.22
C LEU E 52 10.24 -14.99 25.38
N ARG E 53 9.80 -16.04 26.08
CA ARG E 53 10.45 -16.45 27.31
C ARG E 53 11.78 -17.12 27.03
N SER E 54 12.63 -17.22 28.06
CA SER E 54 13.97 -17.75 27.89
C SER E 54 13.95 -19.25 27.68
N GLU E 55 12.90 -19.92 28.16
CA GLU E 55 12.78 -21.35 27.93
C GLU E 55 12.30 -21.64 26.50
N GLY E 56 11.70 -20.65 25.86
CA GLY E 56 11.33 -20.80 24.45
C GLY E 56 12.53 -20.84 23.53
N PHE E 57 13.48 -19.94 23.76
CA PHE E 57 14.74 -19.95 23.02
C PHE E 57 15.54 -21.19 23.40
N ASP E 58 15.85 -22.02 22.41
CA ASP E 58 16.42 -23.33 22.69
C ASP E 58 17.91 -23.28 23.00
N THR E 59 18.58 -22.15 22.78
CA THR E 59 19.92 -21.93 23.34
C THR E 59 20.01 -20.44 23.67
N TYR E 60 19.76 -20.09 24.93
CA TYR E 60 19.62 -18.71 25.33
C TYR E 60 20.65 -18.36 26.41
N ARG E 61 21.35 -17.25 26.23
CA ARG E 61 22.16 -16.67 27.28
C ARG E 61 22.19 -15.16 27.11
N CYS E 62 22.22 -14.45 28.24
CA CYS E 62 22.29 -13.00 28.24
C CYS E 62 22.99 -12.57 29.52
N ASP E 63 24.15 -11.93 29.39
CA ASP E 63 24.94 -11.58 30.55
C ASP E 63 24.33 -10.42 31.32
N ARG E 64 23.81 -9.41 30.61
CA ARG E 64 23.28 -8.22 31.25
C ARG E 64 22.00 -7.78 30.55
N ASN E 65 21.26 -6.91 31.22
CA ASN E 65 20.07 -6.31 30.63
C ASN E 65 20.48 -5.37 29.51
N LEU E 66 19.87 -5.53 28.35
CA LEU E 66 20.28 -4.79 27.15
C LEU E 66 19.06 -4.41 26.34
N ALA E 67 18.94 -3.13 26.02
CA ALA E 67 17.85 -2.63 25.19
C ALA E 67 18.43 -2.18 23.87
N MET E 68 17.87 -2.68 22.77
CA MET E 68 18.31 -2.28 21.43
C MET E 68 17.15 -1.67 20.65
N GLY E 69 17.42 -0.55 20.02
CA GLY E 69 16.38 0.15 19.28
C GLY E 69 16.48 -0.04 17.78
N VAL E 70 15.59 -0.84 17.21
CA VAL E 70 15.68 -1.17 15.80
C VAL E 70 14.50 -0.57 15.05
N ASN E 71 14.68 -0.41 13.75
CA ASN E 71 13.60 -0.08 12.83
C ASN E 71 13.03 -1.40 12.35
N LEU E 72 11.75 -1.66 12.67
CA LEU E 72 11.20 -2.99 12.44
C LEU E 72 10.86 -3.24 10.99
N THR E 73 10.81 -2.21 10.14
CA THR E 73 10.76 -2.43 8.71
C THR E 73 12.06 -3.06 8.22
N SER E 74 13.20 -2.56 8.71
CA SER E 74 14.50 -3.14 8.37
C SER E 74 14.66 -4.54 8.95
N MET E 75 14.24 -4.74 10.20
CA MET E 75 14.28 -6.06 10.82
C MET E 75 13.35 -7.04 10.13
N SER E 76 12.21 -6.56 9.63
CA SER E 76 11.30 -7.43 8.88
C SER E 76 11.85 -7.76 7.49
N LYS E 77 12.52 -6.80 6.84
CA LYS E 77 13.12 -7.07 5.54
C LYS E 77 14.35 -7.97 5.66
N ILE E 78 14.99 -7.98 6.83
CA ILE E 78 16.12 -8.87 7.05
C ILE E 78 15.66 -10.26 7.54
N LEU E 79 14.59 -10.35 8.32
CA LEU E 79 14.04 -11.66 8.63
C LEU E 79 13.24 -12.25 7.47
N LYS E 80 12.90 -11.45 6.46
CA LYS E 80 12.32 -12.00 5.23
C LYS E 80 13.33 -12.81 4.43
N CYS E 81 14.62 -12.63 4.69
CA CYS E 81 15.66 -13.44 4.08
C CYS E 81 15.61 -14.88 4.55
N ALA E 82 15.26 -15.11 5.82
CA ALA E 82 15.19 -16.45 6.37
C ALA E 82 13.97 -17.19 5.84
N GLY E 83 14.09 -18.51 5.78
CA GLY E 83 12.97 -19.35 5.39
C GLY E 83 12.08 -19.66 6.56
N ASN E 84 11.10 -20.53 6.30
CA ASN E 84 10.11 -20.86 7.31
C ASN E 84 10.56 -21.99 8.24
N GLU E 85 11.77 -22.54 8.03
CA GLU E 85 12.30 -23.59 8.89
C GLU E 85 13.76 -23.35 9.24
N ASP E 86 14.27 -22.14 8.99
CA ASP E 86 15.64 -21.82 9.33
C ASP E 86 15.81 -21.64 10.83
N ILE E 87 17.02 -21.85 11.31
CA ILE E 87 17.36 -21.63 12.72
C ILE E 87 17.93 -20.23 12.84
N ILE E 88 17.29 -19.40 13.66
CA ILE E 88 17.68 -17.99 13.77
C ILE E 88 18.46 -17.83 15.07
N THR E 89 19.69 -17.34 14.96
CA THR E 89 20.55 -17.04 16.09
C THR E 89 20.68 -15.52 16.19
N LEU E 90 20.14 -14.96 17.27
CA LEU E 90 20.32 -13.56 17.61
C LEU E 90 21.62 -13.41 18.38
N ARG E 91 22.51 -12.52 17.93
CA ARG E 91 23.73 -12.23 18.68
C ARG E 91 23.89 -10.72 18.82
N ALA E 92 24.26 -10.28 20.02
CA ALA E 92 24.62 -8.89 20.28
C ALA E 92 25.79 -8.88 21.25
N GLU E 93 26.88 -8.24 20.85
CA GLU E 93 28.12 -8.25 21.61
C GLU E 93 28.28 -6.92 22.37
N ASP E 94 29.46 -6.71 22.95
CA ASP E 94 29.74 -5.48 23.69
C ASP E 94 29.80 -4.28 22.76
N ASN E 95 29.29 -3.14 23.25
CA ASN E 95 29.05 -1.90 22.48
C ASN E 95 28.23 -2.19 21.23
N ALA E 96 26.98 -2.61 21.48
CA ALA E 96 26.11 -3.17 20.45
C ALA E 96 25.63 -2.06 19.51
N ASP E 97 26.33 -1.91 18.40
CA ASP E 97 25.88 -1.07 17.30
C ASP E 97 25.23 -1.88 16.19
N THR E 98 25.51 -3.18 16.12
CA THR E 98 24.87 -4.08 15.17
C THR E 98 24.31 -5.29 15.91
N LEU E 99 23.25 -5.85 15.35
CA LEU E 99 22.66 -7.09 15.83
C LEU E 99 22.81 -8.13 14.74
N ALA E 100 23.37 -9.29 15.09
CA ALA E 100 23.68 -10.33 14.12
C ALA E 100 22.56 -11.36 14.09
N LEU E 101 21.88 -11.46 12.97
CA LEU E 101 20.88 -12.48 12.71
C LEU E 101 21.52 -13.56 11.85
N VAL E 102 21.65 -14.76 12.41
CA VAL E 102 22.26 -15.88 11.69
C VAL E 102 21.17 -16.87 11.34
N PHE E 103 21.00 -17.12 10.05
CA PHE E 103 19.98 -18.04 9.56
C PHE E 103 20.69 -19.31 9.09
N GLU E 104 20.53 -20.38 9.84
CA GLU E 104 21.13 -21.66 9.51
C GLU E 104 20.08 -22.53 8.84
N ALA E 105 20.41 -23.06 7.67
CA ALA E 105 19.51 -23.96 6.98
C ALA E 105 19.40 -25.29 7.74
N PRO E 106 18.22 -25.93 7.72
CA PRO E 106 18.10 -27.24 8.40
C PRO E 106 18.85 -28.36 7.72
N ASN E 107 19.25 -28.21 6.46
CA ASN E 107 20.05 -29.19 5.75
C ASN E 107 21.55 -28.99 5.95
N GLN E 108 21.93 -28.01 6.78
CA GLN E 108 23.32 -27.69 7.14
C GLN E 108 24.17 -27.35 5.93
N GLU E 109 23.62 -26.53 5.04
CA GLU E 109 24.32 -26.15 3.82
C GLU E 109 24.44 -24.65 3.63
N LYS E 110 23.44 -23.88 4.05
CA LYS E 110 23.41 -22.44 3.84
C LYS E 110 23.38 -21.72 5.19
N VAL E 111 24.37 -20.88 5.43
CA VAL E 111 24.44 -20.03 6.61
C VAL E 111 24.39 -18.58 6.15
N SER E 112 23.50 -17.80 6.74
CA SER E 112 23.24 -16.43 6.29
C SER E 112 23.41 -15.49 7.48
N ASP E 113 24.51 -14.72 7.50
CA ASP E 113 24.77 -13.80 8.60
C ASP E 113 24.36 -12.41 8.17
N TYR E 114 23.62 -11.71 9.04
CA TYR E 114 23.11 -10.38 8.74
C TYR E 114 23.44 -9.46 9.91
N GLU E 115 24.30 -8.47 9.69
CA GLU E 115 24.67 -7.51 10.73
C GLU E 115 23.80 -6.27 10.55
N MET E 116 22.62 -6.28 11.14
CA MET E 116 21.72 -5.15 11.01
C MET E 116 22.19 -4.02 11.92
N LYS E 117 22.27 -2.82 11.38
CA LYS E 117 22.63 -1.67 12.20
C LYS E 117 21.47 -1.28 13.11
N LEU E 118 21.80 -0.75 14.28
CA LEU E 118 20.80 -0.28 15.23
C LEU E 118 20.79 1.24 15.21
N MET E 119 20.03 1.84 16.12
CA MET E 119 20.05 3.29 16.28
C MET E 119 19.71 3.63 17.73
N ASP E 120 20.06 4.84 18.13
CA ASP E 120 19.73 5.31 19.47
C ASP E 120 18.24 5.61 19.55
N LEU E 121 17.55 4.91 20.46
CA LEU E 121 16.11 4.99 20.53
C LEU E 121 15.68 5.15 21.97
N ASP E 122 14.66 5.97 22.20
CA ASP E 122 14.08 6.18 23.53
C ASP E 122 12.57 6.03 23.41
N VAL E 123 12.07 4.84 23.72
CA VAL E 123 10.64 4.54 23.69
C VAL E 123 10.18 4.39 25.13
N GLU E 124 9.17 5.18 25.50
CA GLU E 124 8.59 5.10 26.83
C GLU E 124 7.76 3.83 26.98
N GLN E 125 7.69 3.33 28.21
CA GLN E 125 6.93 2.13 28.52
C GLN E 125 5.68 2.51 29.31
N LEU E 126 4.62 1.75 29.10
CA LEU E 126 3.34 2.05 29.74
C LEU E 126 3.05 1.02 30.83
N GLY E 127 2.18 1.40 31.76
CA GLY E 127 1.90 0.56 32.91
C GLY E 127 0.71 -0.36 32.71
N ILE E 128 0.96 -1.66 32.70
CA ILE E 128 -0.07 -2.67 32.50
C ILE E 128 -0.33 -3.36 33.83
N PRO E 129 -1.49 -3.18 34.45
CA PRO E 129 -1.82 -3.94 35.65
C PRO E 129 -2.34 -5.33 35.33
N GLU E 130 -2.06 -6.25 36.24
CA GLU E 130 -2.60 -7.61 36.14
C GLU E 130 -4.04 -7.57 36.63
N GLN E 131 -4.95 -7.27 35.71
CA GLN E 131 -6.33 -6.97 36.06
C GLN E 131 -7.29 -7.99 35.47
N GLU E 132 -8.41 -8.16 36.15
CA GLU E 132 -9.46 -9.08 35.74
C GLU E 132 -10.31 -8.40 34.68
N TYR E 133 -10.68 -9.16 33.65
CA TYR E 133 -11.34 -8.63 32.46
C TYR E 133 -12.79 -9.08 32.41
N SER E 134 -13.66 -8.17 31.98
CA SER E 134 -15.10 -8.39 32.07
C SER E 134 -15.57 -9.44 31.05
N CYS E 135 -15.17 -9.29 29.80
CA CYS E 135 -15.54 -10.26 28.76
C CYS E 135 -14.27 -10.74 28.08
N VAL E 136 -14.05 -12.04 28.10
CA VAL E 136 -12.87 -12.64 27.47
C VAL E 136 -13.37 -13.66 26.45
N VAL E 137 -13.15 -13.39 25.17
CA VAL E 137 -13.58 -14.33 24.14
C VAL E 137 -12.33 -14.98 23.55
N LYS E 138 -12.37 -16.29 23.45
CA LYS E 138 -11.34 -17.07 22.78
C LYS E 138 -11.90 -17.49 21.43
N MET E 139 -11.17 -17.16 20.37
CA MET E 139 -11.65 -17.26 18.99
C MET E 139 -10.59 -17.96 18.16
N PRO E 140 -10.99 -18.57 17.05
CA PRO E 140 -9.99 -18.93 16.03
C PRO E 140 -9.39 -17.67 15.44
N SER E 141 -8.09 -17.71 15.17
CA SER E 141 -7.38 -16.50 14.78
C SER E 141 -7.68 -16.13 13.33
N GLY E 142 -7.81 -17.14 12.47
CA GLY E 142 -8.25 -16.91 11.11
C GLY E 142 -9.67 -16.38 11.04
N GLU E 143 -10.53 -16.82 11.97
CA GLU E 143 -11.89 -16.30 12.05
C GLU E 143 -11.92 -14.83 12.43
N PHE E 144 -11.13 -14.42 13.43
CA PHE E 144 -11.11 -13.02 13.84
C PHE E 144 -10.46 -12.12 12.79
N ALA E 145 -9.42 -12.63 12.12
CA ALA E 145 -8.82 -11.90 11.00
C ALA E 145 -9.80 -11.76 9.86
N ARG E 146 -10.62 -12.81 9.62
CA ARG E 146 -11.67 -12.75 8.62
C ARG E 146 -12.72 -11.72 8.98
N ILE E 147 -13.14 -11.65 10.25
CA ILE E 147 -14.14 -10.68 10.69
C ILE E 147 -13.65 -9.24 10.54
N CYS E 148 -12.39 -8.99 10.91
CA CYS E 148 -11.82 -7.65 10.72
C CYS E 148 -11.69 -7.28 9.25
N ARG E 149 -11.31 -8.26 8.41
CA ARG E 149 -11.20 -7.99 6.98
C ARG E 149 -12.56 -7.78 6.32
N ASP E 150 -13.60 -8.49 6.79
CA ASP E 150 -14.96 -8.26 6.31
C ASP E 150 -15.49 -6.90 6.72
N LEU E 151 -15.32 -6.53 7.99
CA LEU E 151 -15.92 -5.28 8.44
C LEU E 151 -15.12 -4.06 8.01
N SER E 152 -13.87 -4.24 7.57
CA SER E 152 -13.08 -3.11 7.08
C SER E 152 -13.63 -2.54 5.78
N HIS E 153 -14.35 -3.35 5.00
CA HIS E 153 -14.97 -2.82 3.79
C HIS E 153 -16.21 -1.98 4.13
N ILE E 154 -16.83 -2.25 5.27
CA ILE E 154 -18.07 -1.56 5.62
C ILE E 154 -17.79 -0.18 6.17
N GLY E 155 -17.02 -0.10 7.26
CA GLY E 155 -16.78 1.19 7.89
C GLY E 155 -15.42 1.23 8.54
N ASP E 156 -15.13 2.38 9.15
CA ASP E 156 -13.86 2.64 9.81
C ASP E 156 -13.87 2.30 11.29
N ALA E 157 -14.98 1.79 11.82
CA ALA E 157 -15.06 1.48 13.23
C ALA E 157 -15.84 0.18 13.41
N VAL E 158 -15.60 -0.48 14.54
CA VAL E 158 -16.29 -1.71 14.90
C VAL E 158 -16.90 -1.52 16.28
N VAL E 159 -18.09 -2.05 16.48
CA VAL E 159 -18.77 -2.03 17.77
C VAL E 159 -18.86 -3.47 18.23
N ILE E 160 -18.02 -3.84 19.20
CA ILE E 160 -18.02 -5.20 19.72
C ILE E 160 -18.92 -5.23 20.95
N SER E 161 -19.96 -6.04 20.89
CA SER E 161 -20.89 -6.22 22.00
C SER E 161 -20.82 -7.66 22.48
N CYS E 162 -20.51 -7.84 23.75
CA CYS E 162 -20.33 -9.16 24.34
C CYS E 162 -21.51 -9.44 25.26
N ALA E 163 -22.10 -10.63 25.14
CA ALA E 163 -23.21 -11.02 25.99
C ALA E 163 -23.24 -12.55 26.07
N LYS E 164 -24.17 -13.05 26.91
CA LYS E 164 -24.29 -14.48 27.14
C LYS E 164 -24.79 -15.24 25.92
N ASP E 165 -25.46 -14.58 24.98
CA ASP E 165 -25.83 -15.20 23.72
C ASP E 165 -24.72 -15.14 22.67
N GLY E 166 -23.62 -14.44 22.95
CA GLY E 166 -22.48 -14.45 22.07
C GLY E 166 -21.84 -13.09 21.94
N VAL E 167 -20.90 -13.00 21.01
CA VAL E 167 -20.23 -11.75 20.70
C VAL E 167 -20.79 -11.25 19.37
N LYS E 168 -20.78 -9.93 19.20
CA LYS E 168 -21.39 -9.34 18.00
C LYS E 168 -20.53 -8.17 17.56
N PHE E 169 -19.90 -8.32 16.39
CA PHE E 169 -19.08 -7.27 15.79
C PHE E 169 -19.95 -6.52 14.79
N SER E 170 -20.23 -5.25 15.06
CA SER E 170 -21.08 -4.43 14.21
C SER E 170 -20.21 -3.40 13.50
N ALA E 171 -20.62 -3.02 12.30
CA ALA E 171 -19.91 -2.01 11.53
C ALA E 171 -20.89 -1.19 10.70
N SER E 172 -20.79 0.13 10.80
CA SER E 172 -21.68 1.03 10.08
C SER E 172 -20.86 1.97 9.21
N GLY E 173 -21.35 2.21 8.00
CA GLY E 173 -20.64 3.07 7.09
C GLY E 173 -21.51 3.53 5.94
N GLU E 174 -20.87 3.79 4.81
CA GLU E 174 -21.59 4.25 3.62
C GLU E 174 -22.35 3.09 2.99
N LEU E 175 -21.77 1.89 3.02
CA LEU E 175 -22.37 0.69 2.44
C LEU E 175 -23.61 0.26 3.20
N GLY E 176 -23.55 0.33 4.52
CA GLY E 176 -24.62 -0.15 5.37
C GLY E 176 -24.07 -0.53 6.73
N ASN E 177 -24.70 -1.48 7.41
CA ASN E 177 -24.21 -1.97 8.69
C ASN E 177 -24.23 -3.49 8.67
N GLY E 178 -23.16 -4.11 9.16
CA GLY E 178 -23.06 -5.54 9.24
C GLY E 178 -22.85 -5.97 10.67
N ASN E 179 -23.49 -7.07 11.06
CA ASN E 179 -23.44 -7.58 12.42
C ASN E 179 -23.03 -9.05 12.38
N ILE E 180 -21.73 -9.30 12.52
CA ILE E 180 -21.22 -10.67 12.59
C ILE E 180 -21.39 -11.16 14.03
N LYS E 181 -22.30 -12.10 14.23
CA LYS E 181 -22.62 -12.62 15.54
C LYS E 181 -22.04 -14.02 15.68
N LEU E 182 -21.45 -14.31 16.84
CA LEU E 182 -20.80 -15.58 17.11
C LEU E 182 -21.31 -16.13 18.44
N SER E 183 -21.72 -17.39 18.44
CA SER E 183 -22.16 -18.06 19.65
C SER E 183 -21.01 -18.87 20.24
N GLN E 184 -21.03 -18.99 21.56
CA GLN E 184 -20.03 -19.77 22.28
C GLN E 184 -20.29 -21.26 22.03
N THR E 185 -19.38 -21.91 21.31
CA THR E 185 -19.56 -23.31 20.94
C THR E 185 -19.03 -24.18 22.08
N SER E 186 -19.92 -24.54 23.00
CA SER E 186 -19.55 -25.44 24.09
C SER E 186 -19.45 -26.89 23.65
N ASN E 187 -20.22 -27.29 22.63
CA ASN E 187 -20.18 -28.67 22.16
C ASN E 187 -18.92 -28.96 21.37
N VAL E 188 -18.51 -28.03 20.52
CA VAL E 188 -17.28 -28.16 19.73
C VAL E 188 -16.23 -27.27 20.37
N ASP E 189 -15.33 -27.87 21.14
CA ASP E 189 -14.30 -27.16 21.88
C ASP E 189 -12.93 -27.74 21.57
N LYS E 190 -12.63 -27.85 20.27
CA LYS E 190 -11.37 -28.42 19.80
C LYS E 190 -10.26 -27.37 19.85
N GLU E 191 -9.14 -27.65 19.19
CA GLU E 191 -8.01 -26.72 19.21
C GLU E 191 -8.30 -25.49 18.36
N GLU E 192 -8.83 -25.67 17.16
CA GLU E 192 -9.04 -24.54 16.26
C GLU E 192 -10.32 -23.79 16.61
N GLU E 193 -11.47 -24.46 16.49
CA GLU E 193 -12.78 -23.84 16.74
C GLU E 193 -13.06 -23.91 18.23
N ALA E 194 -12.65 -22.86 18.94
CA ALA E 194 -12.69 -22.87 20.40
C ALA E 194 -13.23 -21.54 20.92
N VAL E 195 -14.38 -21.10 20.42
CA VAL E 195 -14.97 -19.82 20.83
C VAL E 195 -15.53 -19.99 22.24
N THR E 196 -14.79 -19.54 23.24
CA THR E 196 -15.23 -19.64 24.64
C THR E 196 -15.34 -18.22 25.20
N ILE E 197 -16.47 -17.92 25.82
CA ILE E 197 -16.77 -16.57 26.27
C ILE E 197 -16.85 -16.57 27.79
N GLU E 198 -15.79 -16.11 28.44
CA GLU E 198 -15.83 -15.82 29.86
C GLU E 198 -16.56 -14.50 30.10
N MET E 199 -17.57 -14.58 30.97
CA MET E 199 -18.65 -13.61 31.04
C MET E 199 -18.79 -13.08 32.46
N ASN E 200 -18.53 -11.79 32.64
CA ASN E 200 -18.75 -11.11 33.91
C ASN E 200 -19.74 -9.96 33.82
N GLU E 201 -19.78 -9.25 32.69
CA GLU E 201 -20.64 -8.09 32.51
C GLU E 201 -20.84 -7.87 31.02
N PRO E 202 -22.06 -7.56 30.57
CA PRO E 202 -22.26 -7.27 29.14
C PRO E 202 -21.66 -5.93 28.76
N VAL E 203 -20.70 -5.97 27.83
CA VAL E 203 -19.97 -4.79 27.40
C VAL E 203 -20.34 -4.49 25.95
N GLN E 204 -20.09 -3.24 25.55
CA GLN E 204 -20.38 -2.78 24.19
C GLN E 204 -19.44 -1.61 23.92
N LEU E 205 -18.37 -1.87 23.17
CA LEU E 205 -17.32 -0.89 22.97
C LEU E 205 -17.03 -0.69 21.50
N THR E 206 -16.81 0.55 21.10
CA THR E 206 -16.47 0.89 19.73
C THR E 206 -14.96 1.08 19.64
N PHE E 207 -14.31 0.26 18.83
CA PHE E 207 -12.89 0.38 18.54
C PHE E 207 -12.71 0.83 17.09
N ALA E 208 -11.50 1.30 16.81
CA ALA E 208 -11.13 1.49 15.41
C ALA E 208 -10.82 0.14 14.78
N LEU E 209 -10.77 0.13 13.46
CA LEU E 209 -10.71 -1.12 12.74
C LEU E 209 -9.52 -1.22 11.81
N ARG E 210 -8.89 -0.09 11.44
CA ARG E 210 -7.59 -0.13 10.79
C ARG E 210 -6.53 -0.70 11.73
N TYR E 211 -6.59 -0.33 13.01
CA TYR E 211 -5.66 -0.90 13.98
C TYR E 211 -5.98 -2.35 14.28
N LEU E 212 -7.24 -2.76 14.17
CA LEU E 212 -7.56 -4.18 14.28
C LEU E 212 -7.06 -4.97 13.06
N ASN E 213 -7.07 -4.35 11.88
CA ASN E 213 -6.46 -4.98 10.71
C ASN E 213 -4.95 -5.07 10.84
N PHE E 214 -4.33 -4.09 11.50
CA PHE E 214 -2.92 -4.19 11.83
C PHE E 214 -2.67 -5.29 12.86
N PHE E 215 -3.62 -5.50 13.77
CA PHE E 215 -3.46 -6.53 14.81
C PHE E 215 -3.58 -7.91 14.21
N THR E 216 -4.47 -8.09 13.26
CA THR E 216 -4.76 -9.41 12.69
C THR E 216 -3.77 -9.85 11.62
N LYS E 217 -2.62 -9.18 11.49
CA LYS E 217 -1.49 -9.71 10.76
C LYS E 217 -0.64 -10.63 11.61
N ALA E 218 -0.98 -10.79 12.88
CA ALA E 218 -0.37 -11.76 13.76
C ALA E 218 -1.04 -13.11 13.69
N THR E 219 -2.00 -13.29 12.77
CA THR E 219 -2.74 -14.53 12.64
C THR E 219 -2.00 -15.83 12.28
N PRO E 220 -0.81 -15.89 11.67
CA PRO E 220 -0.17 -17.20 11.56
C PRO E 220 0.65 -17.61 12.77
N LEU E 221 0.73 -16.75 13.80
CA LEU E 221 1.50 -17.08 14.99
C LEU E 221 0.83 -18.17 15.82
N SER E 222 -0.48 -18.08 15.99
CA SER E 222 -1.23 -19.07 16.73
C SER E 222 -2.62 -19.16 16.13
N SER E 223 -3.36 -20.19 16.53
CA SER E 223 -4.72 -20.39 16.06
C SER E 223 -5.76 -19.89 17.05
N THR E 224 -5.33 -19.21 18.13
CA THR E 224 -6.24 -18.71 19.15
C THR E 224 -6.01 -17.23 19.37
N VAL E 225 -7.09 -16.46 19.36
CA VAL E 225 -7.09 -15.05 19.70
C VAL E 225 -7.87 -14.89 20.99
N THR E 226 -7.25 -14.28 21.99
CA THR E 226 -7.94 -13.98 23.25
C THR E 226 -8.22 -12.48 23.26
N LEU E 227 -9.47 -12.12 22.96
CA LEU E 227 -9.91 -10.72 23.06
C LEU E 227 -10.46 -10.52 24.46
N SER E 228 -9.75 -9.75 25.27
CA SER E 228 -10.14 -9.49 26.65
C SER E 228 -10.46 -8.01 26.79
N MET E 229 -11.63 -7.70 27.34
CA MET E 229 -12.05 -6.31 27.38
C MET E 229 -12.98 -6.07 28.57
N SER E 230 -12.84 -4.89 29.18
CA SER E 230 -13.76 -4.40 30.19
C SER E 230 -14.61 -3.29 29.56
N ALA E 231 -15.43 -2.65 30.40
CA ALA E 231 -16.44 -1.72 29.87
C ALA E 231 -15.84 -0.42 29.35
N ASP E 232 -14.67 -0.02 29.87
CA ASP E 232 -13.98 1.15 29.34
C ASP E 232 -12.49 0.93 29.15
N VAL E 233 -11.95 -0.20 29.58
CA VAL E 233 -10.52 -0.50 29.48
C VAL E 233 -10.21 -0.86 28.03
N PRO E 234 -9.03 -0.47 27.50
CA PRO E 234 -8.61 -0.91 26.15
C PRO E 234 -8.55 -2.43 26.02
N LEU E 235 -8.93 -2.93 24.84
CA LEU E 235 -9.00 -4.37 24.76
C LEU E 235 -7.62 -4.95 24.48
N VAL E 236 -7.47 -6.22 24.83
CA VAL E 236 -6.26 -7.00 24.62
C VAL E 236 -6.57 -8.04 23.56
N VAL E 237 -5.77 -8.05 22.51
CA VAL E 237 -5.79 -9.10 21.50
C VAL E 237 -4.54 -9.93 21.76
N GLU E 238 -4.69 -11.04 22.46
CA GLU E 238 -3.56 -11.85 22.87
C GLU E 238 -3.42 -13.03 21.91
N TYR E 239 -2.25 -13.13 21.29
CA TYR E 239 -1.89 -14.26 20.44
C TYR E 239 -1.00 -15.18 21.26
N LYS E 240 -1.64 -16.07 22.02
CA LYS E 240 -0.94 -16.95 22.94
C LYS E 240 -0.13 -18.00 22.19
N ILE E 241 1.18 -17.83 22.16
CA ILE E 241 2.08 -18.79 21.53
C ILE E 241 2.17 -19.99 22.46
N ALA E 242 2.05 -21.19 21.91
CA ALA E 242 2.18 -22.40 22.71
C ALA E 242 3.62 -22.65 23.10
N ASP E 243 4.56 -22.03 22.39
CA ASP E 243 5.97 -22.23 22.71
C ASP E 243 6.47 -21.20 23.72
N MET E 244 6.24 -19.92 23.47
CA MET E 244 7.00 -18.87 24.13
C MET E 244 6.22 -17.56 24.21
N GLY E 245 5.90 -17.14 25.44
CA GLY E 245 5.39 -15.79 25.68
C GLY E 245 4.00 -15.54 25.12
N HIS E 246 3.80 -14.32 24.64
CA HIS E 246 2.54 -13.87 24.07
C HIS E 246 2.81 -12.66 23.20
N LEU E 247 1.83 -12.27 22.40
CA LEU E 247 1.84 -11.03 21.63
C LEU E 247 0.52 -10.32 21.93
N LYS E 248 0.51 -9.52 22.99
CA LYS E 248 -0.70 -8.80 23.38
C LYS E 248 -0.78 -7.49 22.64
N TYR E 249 -1.97 -7.18 22.11
CA TYR E 249 -2.22 -5.94 21.40
C TYR E 249 -3.28 -5.16 22.18
N TYR E 250 -2.90 -4.00 22.70
CA TYR E 250 -3.81 -3.18 23.48
C TYR E 250 -4.33 -2.05 22.61
N LEU E 251 -5.65 -1.90 22.55
CA LEU E 251 -6.23 -0.83 21.74
C LEU E 251 -7.34 -0.11 22.48
N ALA E 252 -7.23 1.21 22.55
CA ALA E 252 -8.14 2.10 23.25
C ALA E 252 -9.49 2.18 22.53
N PRO E 253 -10.59 2.16 23.27
CA PRO E 253 -11.90 2.30 22.65
C PRO E 253 -12.21 3.75 22.30
N LYS E 254 -13.22 3.91 21.45
CA LYS E 254 -13.72 5.22 21.08
C LYS E 254 -14.87 5.59 22.02
N ILE E 255 -14.79 6.78 22.61
CA ILE E 255 -15.75 7.24 23.60
C ILE E 255 -16.65 8.27 22.96
N GLU E 256 -17.96 8.10 23.13
CA GLU E 256 -18.94 9.05 22.60
C GLU E 256 -18.90 10.37 23.38
N MET F 1 12.72 -21.31 -45.63
CA MET F 1 11.63 -20.98 -44.71
C MET F 1 11.91 -21.57 -43.34
N PHE F 2 11.96 -20.70 -42.33
CA PHE F 2 12.26 -21.11 -40.97
C PHE F 2 11.06 -21.82 -40.35
N GLU F 3 11.29 -23.03 -39.84
CA GLU F 3 10.28 -23.83 -39.16
C GLU F 3 10.95 -24.49 -37.96
N ALA F 4 10.34 -24.34 -36.78
CA ALA F 4 10.95 -24.85 -35.56
C ALA F 4 9.84 -25.29 -34.62
N ARG F 5 9.71 -26.59 -34.43
CA ARG F 5 8.71 -27.15 -33.52
C ARG F 5 9.33 -27.43 -32.17
N LEU F 6 8.57 -27.16 -31.11
CA LEU F 6 9.04 -27.37 -29.75
C LEU F 6 7.86 -27.85 -28.93
N VAL F 7 7.90 -29.11 -28.49
CA VAL F 7 6.80 -29.68 -27.72
C VAL F 7 6.73 -29.04 -26.33
N GLN F 8 7.87 -28.91 -25.68
CA GLN F 8 7.95 -28.20 -24.40
C GLN F 8 8.02 -26.68 -24.67
N GLY F 9 6.84 -26.11 -24.92
CA GLY F 9 6.72 -24.70 -25.19
C GLY F 9 6.82 -23.79 -23.98
N SER F 10 6.67 -24.38 -22.78
CA SER F 10 6.92 -23.65 -21.55
C SER F 10 8.38 -23.25 -21.40
N ILE F 11 9.29 -23.98 -22.04
CA ILE F 11 10.69 -23.59 -22.13
C ILE F 11 10.84 -22.24 -22.83
N LEU F 12 10.18 -22.08 -23.98
CA LEU F 12 10.25 -20.82 -24.71
C LEU F 12 9.50 -19.71 -23.99
N LYS F 13 8.43 -20.07 -23.27
CA LYS F 13 7.73 -19.12 -22.41
C LYS F 13 8.63 -18.59 -21.31
N LYS F 14 9.41 -19.48 -20.68
CA LYS F 14 10.34 -19.06 -19.63
C LYS F 14 11.51 -18.27 -20.19
N VAL F 15 11.95 -18.57 -21.42
CA VAL F 15 12.98 -17.76 -22.08
C VAL F 15 12.49 -16.33 -22.32
N LEU F 16 11.30 -16.18 -22.88
CA LEU F 16 10.83 -14.82 -23.14
C LEU F 16 10.30 -14.12 -21.91
N GLU F 17 10.06 -14.84 -20.81
CA GLU F 17 9.87 -14.18 -19.52
C GLU F 17 11.20 -13.82 -18.87
N ALA F 18 12.27 -14.54 -19.21
CA ALA F 18 13.59 -14.20 -18.70
C ALA F 18 14.15 -12.95 -19.36
N LEU F 19 14.03 -12.84 -20.68
CA LEU F 19 14.63 -11.75 -21.42
C LEU F 19 13.67 -10.59 -21.66
N LYS F 20 12.58 -10.53 -20.89
CA LYS F 20 11.61 -9.46 -21.08
C LYS F 20 12.08 -8.15 -20.46
N ASP F 21 12.47 -8.19 -19.18
CA ASP F 21 12.88 -6.98 -18.49
C ASP F 21 14.28 -6.52 -18.88
N LEU F 22 15.14 -7.45 -19.29
CA LEU F 22 16.49 -7.08 -19.69
C LEU F 22 16.49 -6.41 -21.07
N ILE F 23 15.96 -7.11 -22.06
CA ILE F 23 16.10 -6.75 -23.46
C ILE F 23 14.75 -6.29 -23.99
N ASN F 24 14.69 -5.05 -24.46
CA ASN F 24 13.46 -4.57 -25.09
C ASN F 24 13.34 -5.11 -26.50
N GLU F 25 14.30 -4.79 -27.36
CA GLU F 25 14.33 -5.27 -28.74
C GLU F 25 15.58 -6.11 -28.95
N ALA F 26 15.43 -7.26 -29.60
CA ALA F 26 16.51 -8.21 -29.76
C ALA F 26 16.68 -8.58 -31.22
N CYS F 27 17.87 -9.07 -31.54
CA CYS F 27 18.23 -9.50 -32.89
C CYS F 27 18.52 -11.00 -32.83
N TRP F 28 17.50 -11.81 -33.08
CA TRP F 28 17.64 -13.26 -33.10
C TRP F 28 18.44 -13.68 -34.33
N ASP F 29 19.45 -14.51 -34.13
CA ASP F 29 20.24 -15.05 -35.23
C ASP F 29 19.83 -16.51 -35.43
N ILE F 30 19.21 -16.79 -36.57
CA ILE F 30 18.68 -18.12 -36.86
C ILE F 30 19.57 -18.75 -37.91
N SER F 31 20.18 -19.88 -37.58
CA SER F 31 21.00 -20.63 -38.52
C SER F 31 20.57 -22.09 -38.49
N SER F 32 21.19 -22.90 -39.36
CA SER F 32 20.90 -24.33 -39.40
C SER F 32 21.38 -25.05 -38.16
N SER F 33 22.37 -24.50 -37.45
CA SER F 33 22.73 -25.01 -36.13
C SER F 33 21.63 -24.73 -35.12
N GLY F 34 20.89 -23.64 -35.28
CA GLY F 34 19.79 -23.38 -34.39
C GLY F 34 19.52 -21.92 -34.10
N VAL F 35 18.97 -21.65 -32.91
CA VAL F 35 18.56 -20.33 -32.49
C VAL F 35 19.68 -19.74 -31.63
N ASN F 36 20.08 -18.51 -31.92
CA ASN F 36 21.06 -17.81 -31.12
C ASN F 36 20.57 -16.39 -30.85
N LEU F 37 21.05 -15.81 -29.77
CA LEU F 37 20.72 -14.44 -29.44
C LEU F 37 21.88 -13.85 -28.65
N GLN F 38 22.65 -12.97 -29.26
CA GLN F 38 23.76 -12.30 -28.61
C GLN F 38 23.40 -10.82 -28.56
N SER F 39 22.68 -10.42 -27.51
CA SER F 39 22.15 -9.07 -27.42
C SER F 39 22.52 -8.44 -26.09
N MET F 40 22.73 -7.14 -26.11
CA MET F 40 23.13 -6.39 -24.93
C MET F 40 21.97 -5.50 -24.51
N ASP F 41 21.77 -5.35 -23.19
CA ASP F 41 20.52 -4.84 -22.67
C ASP F 41 20.37 -3.32 -22.89
N SER F 42 19.24 -2.78 -22.40
CA SER F 42 18.85 -1.42 -22.72
C SER F 42 19.71 -0.38 -21.99
N SER F 43 20.20 -0.71 -20.80
CA SER F 43 21.10 0.19 -20.08
C SER F 43 22.56 -0.06 -20.41
N HIS F 44 22.83 -1.03 -21.30
CA HIS F 44 24.16 -1.36 -21.83
C HIS F 44 25.14 -1.77 -20.72
N VAL F 45 24.75 -2.78 -19.94
CA VAL F 45 25.60 -3.30 -18.87
C VAL F 45 25.84 -4.78 -19.08
N SER F 46 24.77 -5.56 -19.22
CA SER F 46 24.84 -7.01 -19.26
C SER F 46 24.61 -7.53 -20.67
N LEU F 47 25.38 -8.53 -21.05
CA LEU F 47 25.23 -9.21 -22.34
C LEU F 47 24.49 -10.51 -22.14
N VAL F 48 23.70 -10.90 -23.14
CA VAL F 48 22.84 -12.07 -23.09
C VAL F 48 23.15 -12.94 -24.29
N GLN F 49 23.46 -14.21 -24.04
CA GLN F 49 23.76 -15.17 -25.11
C GLN F 49 22.85 -16.39 -24.94
N LEU F 50 21.78 -16.42 -25.70
CA LEU F 50 20.88 -17.56 -25.78
C LEU F 50 21.33 -18.49 -26.90
N THR F 51 21.35 -19.80 -26.62
CA THR F 51 21.69 -20.78 -27.64
C THR F 51 20.78 -21.98 -27.50
N LEU F 52 19.86 -22.14 -28.46
CA LEU F 52 19.01 -23.32 -28.54
C LEU F 52 19.49 -24.13 -29.74
N ARG F 53 20.04 -25.31 -29.47
CA ARG F 53 20.56 -26.14 -30.55
C ARG F 53 19.41 -26.83 -31.29
N SER F 54 19.71 -27.32 -32.48
CA SER F 54 18.67 -27.89 -33.33
C SER F 54 18.30 -29.32 -32.91
N GLU F 55 19.06 -29.91 -31.99
CA GLU F 55 18.76 -31.26 -31.54
C GLU F 55 17.56 -31.28 -30.60
N GLY F 56 17.36 -30.19 -29.85
CA GLY F 56 16.26 -30.15 -28.91
C GLY F 56 14.93 -29.84 -29.56
N PHE F 57 14.96 -29.17 -30.71
CA PHE F 57 13.76 -28.96 -31.50
C PHE F 57 13.34 -30.27 -32.15
N ASP F 58 12.04 -30.59 -32.07
CA ASP F 58 11.58 -31.86 -32.61
C ASP F 58 11.51 -31.83 -34.13
N THR F 59 11.31 -30.65 -34.71
CA THR F 59 11.34 -30.48 -36.16
C THR F 59 11.95 -29.11 -36.44
N TYR F 60 13.23 -29.08 -36.80
CA TYR F 60 13.93 -27.85 -37.11
C TYR F 60 14.32 -27.87 -38.59
N ARG F 61 14.04 -26.78 -39.29
CA ARG F 61 14.36 -26.67 -40.70
C ARG F 61 14.51 -25.20 -41.05
N CYS F 62 15.73 -24.78 -41.34
CA CYS F 62 16.03 -23.44 -41.79
C CYS F 62 17.00 -23.49 -42.96
N ASP F 63 16.98 -22.44 -43.77
CA ASP F 63 17.82 -22.39 -44.97
C ASP F 63 18.91 -21.33 -44.90
N ARG F 64 18.57 -20.08 -44.65
CA ARG F 64 19.55 -18.99 -44.59
C ARG F 64 19.82 -18.64 -43.13
N ASN F 65 20.72 -17.68 -42.92
CA ASN F 65 21.04 -17.16 -41.60
C ASN F 65 20.20 -15.91 -41.38
N LEU F 66 18.99 -16.12 -40.88
CA LEU F 66 18.02 -15.04 -40.77
C LEU F 66 18.30 -14.18 -39.54
N ALA F 67 18.08 -12.88 -39.68
CA ALA F 67 18.19 -11.93 -38.59
C ALA F 67 16.78 -11.42 -38.27
N MET F 68 16.36 -11.60 -37.02
CA MET F 68 15.00 -11.30 -36.62
C MET F 68 15.04 -10.11 -35.66
N GLY F 69 14.47 -8.99 -36.08
CA GLY F 69 14.35 -7.86 -35.18
C GLY F 69 13.03 -7.91 -34.42
N VAL F 70 13.07 -8.42 -33.20
CA VAL F 70 11.87 -8.77 -32.45
C VAL F 70 11.81 -7.94 -31.19
N ASN F 71 10.71 -7.20 -31.00
CA ASN F 71 10.44 -6.59 -29.70
C ASN F 71 10.09 -7.68 -28.70
N LEU F 72 10.92 -7.82 -27.67
CA LEU F 72 10.75 -8.94 -26.76
C LEU F 72 9.59 -8.76 -25.80
N THR F 73 9.12 -7.53 -25.59
CA THR F 73 7.86 -7.35 -24.89
C THR F 73 6.70 -7.88 -25.71
N SER F 74 6.74 -7.66 -27.03
CA SER F 74 5.72 -8.19 -27.93
C SER F 74 5.76 -9.72 -28.00
N MET F 75 6.97 -10.29 -28.09
CA MET F 75 7.09 -11.74 -28.12
C MET F 75 6.74 -12.35 -26.77
N SER F 76 6.99 -11.62 -25.69
CA SER F 76 6.59 -12.09 -24.36
C SER F 76 5.07 -12.08 -24.20
N LYS F 77 4.41 -11.05 -24.74
CA LYS F 77 2.95 -11.00 -24.69
C LYS F 77 2.33 -12.08 -25.58
N ILE F 78 2.95 -12.37 -26.72
CA ILE F 78 2.43 -13.41 -27.60
C ILE F 78 2.71 -14.81 -27.03
N LEU F 79 3.86 -14.99 -26.38
CA LEU F 79 4.13 -16.28 -25.75
C LEU F 79 3.41 -16.45 -24.41
N LYS F 80 2.84 -15.38 -23.85
CA LYS F 80 1.92 -15.53 -22.73
C LYS F 80 0.61 -16.19 -23.13
N CYS F 81 0.27 -16.18 -24.43
CA CYS F 81 -0.92 -16.84 -24.91
C CYS F 81 -0.82 -18.36 -24.84
N ALA F 82 0.39 -18.90 -25.01
CA ALA F 82 0.57 -20.34 -24.96
C ALA F 82 0.47 -20.85 -23.53
N GLY F 83 0.05 -22.10 -23.39
CA GLY F 83 0.00 -22.74 -22.09
C GLY F 83 1.33 -23.39 -21.74
N ASN F 84 1.36 -24.01 -20.56
CA ASN F 84 2.56 -24.69 -20.12
C ASN F 84 2.77 -26.03 -20.81
N GLU F 85 1.76 -26.57 -21.49
CA GLU F 85 1.89 -27.83 -22.21
C GLU F 85 1.69 -27.65 -23.71
N ASP F 86 1.63 -26.41 -24.20
CA ASP F 86 1.39 -26.16 -25.61
C ASP F 86 2.64 -26.44 -26.43
N ILE F 87 2.43 -26.77 -27.70
CA ILE F 87 3.51 -27.03 -28.65
C ILE F 87 3.68 -25.79 -29.51
N ILE F 88 4.86 -25.20 -29.48
CA ILE F 88 5.12 -23.92 -30.12
C ILE F 88 5.89 -24.16 -31.41
N THR F 89 5.36 -23.65 -32.52
CA THR F 89 6.00 -23.75 -33.83
C THR F 89 6.32 -22.34 -34.30
N LEU F 90 7.60 -22.04 -34.44
CA LEU F 90 8.05 -20.78 -35.01
C LEU F 90 8.20 -20.95 -36.51
N ARG F 91 7.63 -20.03 -37.28
CA ARG F 91 7.68 -20.08 -38.73
C ARG F 91 7.97 -18.69 -39.26
N ALA F 92 8.77 -18.63 -40.32
CA ALA F 92 9.06 -17.36 -40.98
C ALA F 92 9.34 -17.61 -42.45
N GLU F 93 8.56 -16.98 -43.32
CA GLU F 93 8.80 -17.05 -44.74
C GLU F 93 9.97 -16.15 -45.13
N ASP F 94 10.52 -16.41 -46.32
CA ASP F 94 11.64 -15.61 -46.80
C ASP F 94 11.18 -14.21 -47.22
N ASN F 95 10.08 -14.14 -47.98
CA ASN F 95 9.57 -12.86 -48.45
C ASN F 95 8.84 -12.08 -47.36
N ALA F 96 8.14 -12.76 -46.47
CA ALA F 96 7.39 -12.09 -45.41
C ALA F 96 8.32 -11.67 -44.28
N ASP F 97 8.09 -10.47 -43.76
CA ASP F 97 8.86 -9.93 -42.65
C ASP F 97 8.14 -10.07 -41.32
N THR F 98 7.43 -11.17 -41.13
CA THR F 98 6.68 -11.46 -39.90
C THR F 98 7.07 -12.83 -39.38
N LEU F 99 6.98 -13.01 -38.06
CA LEU F 99 7.22 -14.30 -37.42
C LEU F 99 5.90 -14.87 -36.91
N ALA F 100 5.56 -16.07 -37.36
CA ALA F 100 4.30 -16.70 -37.01
C ALA F 100 4.54 -17.79 -35.99
N LEU F 101 3.88 -17.68 -34.84
CA LEU F 101 3.98 -18.66 -33.78
C LEU F 101 2.66 -19.42 -33.71
N VAL F 102 2.73 -20.74 -33.85
CA VAL F 102 1.54 -21.59 -33.89
C VAL F 102 1.58 -22.49 -32.66
N PHE F 103 0.55 -22.39 -31.84
CA PHE F 103 0.45 -23.16 -30.60
C PHE F 103 -0.55 -24.29 -30.83
N GLU F 104 -0.05 -25.51 -30.89
CA GLU F 104 -0.92 -26.68 -30.90
C GLU F 104 -1.20 -27.11 -29.46
N ALA F 105 -2.43 -27.52 -29.22
CA ALA F 105 -2.80 -28.02 -27.90
C ALA F 105 -2.14 -29.38 -27.64
N PRO F 106 -1.90 -29.74 -26.38
CA PRO F 106 -1.43 -31.10 -26.08
C PRO F 106 -2.43 -32.19 -26.45
N ASN F 107 -3.73 -31.90 -26.39
CA ASN F 107 -4.76 -32.80 -26.88
C ASN F 107 -5.24 -32.44 -28.28
N GLN F 108 -4.61 -31.43 -28.91
CA GLN F 108 -4.83 -31.00 -30.30
C GLN F 108 -6.30 -30.58 -30.55
N GLU F 109 -6.71 -29.53 -29.85
CA GLU F 109 -8.04 -28.97 -30.02
C GLU F 109 -8.07 -27.45 -30.10
N LYS F 110 -6.98 -26.76 -29.73
CA LYS F 110 -6.92 -25.31 -29.75
C LYS F 110 -5.70 -24.91 -30.58
N VAL F 111 -5.89 -24.76 -31.88
CA VAL F 111 -4.80 -24.37 -32.78
C VAL F 111 -4.77 -22.85 -32.77
N SER F 112 -3.67 -22.29 -32.27
CA SER F 112 -3.48 -20.85 -32.23
C SER F 112 -2.46 -20.44 -33.28
N ASP F 113 -2.75 -19.37 -34.01
CA ASP F 113 -1.86 -18.91 -35.07
C ASP F 113 -1.66 -17.40 -34.87
N TYR F 114 -0.56 -17.04 -34.22
CA TYR F 114 -0.20 -15.66 -33.98
C TYR F 114 0.83 -15.22 -35.00
N GLU F 115 0.75 -13.94 -35.37
CA GLU F 115 1.69 -13.36 -36.31
C GLU F 115 2.23 -12.08 -35.70
N MET F 116 3.54 -11.90 -35.77
CA MET F 116 4.19 -10.78 -35.12
C MET F 116 5.02 -10.01 -36.14
N LYS F 117 4.84 -8.69 -36.17
CA LYS F 117 5.64 -7.85 -37.04
C LYS F 117 7.08 -7.77 -36.52
N LEU F 118 8.03 -7.74 -37.45
CA LEU F 118 9.44 -7.66 -37.11
C LEU F 118 9.98 -6.30 -37.55
N MET F 119 10.65 -5.62 -36.63
CA MET F 119 11.20 -4.30 -36.92
C MET F 119 12.63 -4.43 -37.42
N ASP F 120 13.14 -3.32 -37.97
CA ASP F 120 14.52 -3.23 -38.43
C ASP F 120 15.36 -2.57 -37.36
N LEU F 121 16.47 -3.20 -36.98
CA LEU F 121 17.29 -2.70 -35.90
C LEU F 121 18.75 -3.10 -36.13
N ASP F 122 19.64 -2.40 -35.44
CA ASP F 122 21.07 -2.56 -35.64
C ASP F 122 21.56 -3.88 -35.05
N VAL F 123 22.60 -4.44 -35.69
CA VAL F 123 23.20 -5.68 -35.24
C VAL F 123 24.09 -5.37 -34.04
N GLU F 124 23.70 -5.87 -32.87
CA GLU F 124 24.45 -5.68 -31.64
C GLU F 124 25.47 -6.80 -31.41
N GLN F 125 25.67 -7.68 -32.40
CA GLN F 125 26.59 -8.81 -32.28
C GLN F 125 28.01 -8.30 -32.32
N LEU F 126 28.63 -8.18 -31.15
CA LEU F 126 30.04 -7.85 -31.05
C LEU F 126 30.91 -9.05 -30.67
N GLY F 127 30.29 -10.17 -30.29
CA GLY F 127 31.03 -11.35 -29.91
C GLY F 127 31.51 -11.29 -28.48
N ILE F 128 32.07 -12.42 -28.04
CA ILE F 128 32.68 -12.51 -26.72
C ILE F 128 33.86 -13.48 -26.79
N PRO F 129 35.02 -13.14 -26.23
CA PRO F 129 36.09 -14.15 -26.12
C PRO F 129 35.85 -15.06 -24.93
N GLU F 130 35.93 -16.36 -25.16
CA GLU F 130 35.73 -17.32 -24.08
C GLU F 130 36.97 -17.37 -23.18
N GLN F 131 36.73 -17.69 -21.91
CA GLN F 131 37.79 -17.81 -20.94
C GLN F 131 37.66 -19.10 -20.17
N GLU F 132 38.79 -19.64 -19.73
CA GLU F 132 38.80 -20.76 -18.79
C GLU F 132 38.64 -20.17 -17.39
N TYR F 133 37.41 -20.19 -16.89
CA TYR F 133 37.06 -19.45 -15.69
C TYR F 133 37.62 -20.10 -14.44
N SER F 134 38.08 -19.27 -13.50
CA SER F 134 38.74 -19.77 -12.30
C SER F 134 37.73 -20.36 -11.31
N CYS F 135 36.80 -19.54 -10.83
CA CYS F 135 35.74 -20.01 -9.94
C CYS F 135 34.54 -20.38 -10.80
N VAL F 136 34.21 -21.67 -10.86
CA VAL F 136 32.99 -22.13 -11.52
C VAL F 136 32.19 -22.91 -10.48
N VAL F 137 31.01 -22.39 -10.13
CA VAL F 137 30.14 -23.05 -9.18
C VAL F 137 28.88 -23.50 -9.92
N LYS F 138 28.42 -24.70 -9.58
CA LYS F 138 27.25 -25.32 -10.18
C LYS F 138 26.33 -25.60 -8.99
N MET F 139 25.38 -24.70 -8.79
CA MET F 139 24.64 -24.59 -7.53
C MET F 139 23.18 -24.35 -7.87
N PRO F 140 22.24 -24.74 -6.99
CA PRO F 140 20.81 -24.73 -7.38
C PRO F 140 20.26 -23.32 -7.59
N SER F 141 19.48 -23.18 -8.66
CA SER F 141 19.01 -21.87 -9.09
C SER F 141 17.93 -21.32 -8.18
N GLY F 142 17.23 -22.17 -7.45
CA GLY F 142 16.31 -21.68 -6.42
C GLY F 142 17.04 -21.01 -5.29
N GLU F 143 18.19 -21.56 -4.88
CA GLU F 143 19.01 -20.96 -3.83
C GLU F 143 19.64 -19.65 -4.30
N PHE F 144 20.09 -19.60 -5.56
CA PHE F 144 20.64 -18.37 -6.11
C PHE F 144 19.57 -17.31 -6.26
N ALA F 145 18.36 -17.74 -6.63
CA ALA F 145 17.21 -16.84 -6.74
C ALA F 145 16.86 -16.25 -5.39
N ARG F 146 16.86 -17.09 -4.36
CA ARG F 146 16.63 -16.64 -2.99
C ARG F 146 17.73 -15.68 -2.53
N ILE F 147 18.99 -15.99 -2.86
CA ILE F 147 20.13 -15.19 -2.42
C ILE F 147 20.11 -13.79 -3.04
N CYS F 148 19.87 -13.72 -4.35
CA CYS F 148 19.81 -12.41 -5.00
C CYS F 148 18.55 -11.64 -4.61
N ARG F 149 17.43 -12.36 -4.42
CA ARG F 149 16.16 -11.72 -4.05
C ARG F 149 16.22 -11.14 -2.64
N ASP F 150 16.90 -11.81 -1.70
CA ASP F 150 16.92 -11.27 -0.36
C ASP F 150 18.14 -10.41 -0.06
N LEU F 151 19.19 -10.46 -0.90
CA LEU F 151 20.25 -9.49 -0.78
C LEU F 151 19.96 -8.21 -1.54
N SER F 152 18.97 -8.21 -2.43
CA SER F 152 18.53 -6.96 -3.03
C SER F 152 17.77 -6.06 -2.05
N HIS F 153 17.31 -6.61 -0.93
CA HIS F 153 16.65 -5.81 0.10
C HIS F 153 17.61 -4.95 0.91
N ILE F 154 18.91 -5.24 0.85
CA ILE F 154 19.90 -4.49 1.61
C ILE F 154 20.51 -3.40 0.76
N GLY F 155 21.17 -3.78 -0.33
CA GLY F 155 21.80 -2.82 -1.20
C GLY F 155 21.69 -3.19 -2.66
N ASP F 156 22.52 -2.58 -3.49
CA ASP F 156 22.58 -2.91 -4.91
C ASP F 156 23.96 -3.40 -5.30
N ALA F 157 24.62 -4.13 -4.40
CA ALA F 157 25.97 -4.62 -4.64
C ALA F 157 26.19 -5.91 -3.87
N VAL F 158 26.45 -6.99 -4.59
CA VAL F 158 26.83 -8.27 -3.99
C VAL F 158 28.31 -8.49 -4.27
N VAL F 159 29.08 -8.63 -3.20
CA VAL F 159 30.47 -9.05 -3.26
C VAL F 159 30.47 -10.57 -3.16
N ILE F 160 30.86 -11.24 -4.24
CA ILE F 160 31.03 -12.69 -4.21
C ILE F 160 32.49 -12.97 -3.94
N SER F 161 32.73 -13.71 -2.86
CA SER F 161 34.05 -14.24 -2.52
C SER F 161 33.99 -15.75 -2.69
N CYS F 162 34.74 -16.26 -3.66
CA CYS F 162 34.71 -17.67 -4.02
C CYS F 162 36.03 -18.30 -3.63
N ALA F 163 35.95 -19.39 -2.87
CA ALA F 163 37.13 -20.11 -2.42
C ALA F 163 36.80 -21.60 -2.40
N LYS F 164 37.76 -22.41 -1.94
CA LYS F 164 37.58 -23.85 -1.95
C LYS F 164 36.59 -24.32 -0.88
N ASP F 165 36.59 -23.67 0.28
CA ASP F 165 35.71 -24.11 1.37
C ASP F 165 34.26 -23.74 1.12
N GLY F 166 34.00 -22.55 0.57
CA GLY F 166 32.63 -22.14 0.34
C GLY F 166 32.58 -20.83 -0.42
N VAL F 167 31.35 -20.46 -0.78
CA VAL F 167 31.07 -19.26 -1.55
C VAL F 167 30.31 -18.29 -0.67
N LYS F 168 30.79 -17.04 -0.59
CA LYS F 168 30.22 -16.02 0.28
C LYS F 168 29.62 -14.93 -0.60
N PHE F 169 28.37 -14.59 -0.33
CA PHE F 169 27.68 -13.47 -0.97
C PHE F 169 27.47 -12.41 0.11
N SER F 170 28.16 -11.29 -0.01
CA SER F 170 28.03 -10.20 0.95
C SER F 170 27.33 -9.03 0.31
N ALA F 171 26.63 -8.25 1.12
CA ALA F 171 25.92 -7.07 0.63
C ALA F 171 25.80 -6.07 1.77
N SER F 172 26.47 -4.93 1.64
CA SER F 172 26.43 -3.88 2.64
C SER F 172 25.54 -2.75 2.15
N GLY F 173 24.62 -2.30 2.99
CA GLY F 173 23.71 -1.24 2.61
C GLY F 173 23.44 -0.26 3.74
N GLU F 174 22.33 0.47 3.62
CA GLU F 174 21.95 1.47 4.61
C GLU F 174 21.11 0.89 5.74
N LEU F 175 20.86 -0.42 5.73
CA LEU F 175 20.03 -1.04 6.76
C LEU F 175 20.57 -2.37 7.23
N GLY F 176 21.79 -2.75 6.88
CA GLY F 176 22.35 -4.00 7.36
C GLY F 176 23.56 -4.40 6.54
N ASN F 177 24.00 -5.63 6.80
CA ASN F 177 25.19 -6.19 6.15
C ASN F 177 24.99 -7.70 6.05
N GLY F 178 24.53 -8.17 4.89
CA GLY F 178 24.26 -9.57 4.71
C GLY F 178 25.47 -10.36 4.25
N ASN F 179 25.50 -11.63 4.67
CA ASN F 179 26.61 -12.53 4.42
C ASN F 179 26.09 -13.95 4.33
N ILE F 180 25.87 -14.44 3.12
CA ILE F 180 25.32 -15.78 2.89
C ILE F 180 26.46 -16.70 2.46
N LYS F 181 26.68 -17.77 3.22
CA LYS F 181 27.76 -18.70 2.95
C LYS F 181 27.20 -20.05 2.55
N LEU F 182 27.68 -20.58 1.42
CA LEU F 182 27.29 -21.88 0.93
C LEU F 182 28.50 -22.78 0.83
N SER F 183 28.43 -23.96 1.45
CA SER F 183 29.51 -24.93 1.38
C SER F 183 29.18 -26.03 0.38
N GLN F 184 30.18 -26.86 0.09
CA GLN F 184 29.99 -27.96 -0.84
C GLN F 184 29.15 -29.06 -0.22
N THR F 185 28.17 -29.55 -0.98
CA THR F 185 27.25 -30.57 -0.51
C THR F 185 27.58 -31.90 -1.18
N SER F 186 27.79 -32.93 -0.36
CA SER F 186 28.10 -34.27 -0.87
C SER F 186 26.81 -35.10 -0.92
N ASN F 187 25.98 -34.75 -1.90
CA ASN F 187 24.67 -35.37 -2.10
C ASN F 187 24.54 -35.92 -3.51
N VAL F 188 25.57 -36.67 -3.94
CA VAL F 188 25.82 -37.33 -5.23
C VAL F 188 25.33 -36.57 -6.46
N ASP F 189 25.52 -35.24 -6.45
CA ASP F 189 25.23 -34.32 -7.55
C ASP F 189 23.76 -34.38 -8.00
N LYS F 190 22.87 -34.01 -7.07
CA LYS F 190 21.46 -33.95 -7.37
C LYS F 190 21.13 -32.72 -8.22
N GLU F 191 19.90 -32.71 -8.75
CA GLU F 191 19.49 -31.60 -9.61
C GLU F 191 19.22 -30.32 -8.83
N GLU F 192 18.67 -30.43 -7.62
CA GLU F 192 18.30 -29.26 -6.83
C GLU F 192 19.02 -29.18 -5.49
N GLU F 193 19.96 -30.07 -5.20
CA GLU F 193 20.61 -30.11 -3.90
C GLU F 193 22.10 -30.35 -4.05
N ALA F 194 22.74 -29.63 -4.98
CA ALA F 194 24.17 -29.82 -5.23
C ALA F 194 24.84 -28.48 -5.46
N VAL F 195 25.74 -28.10 -4.56
CA VAL F 195 26.62 -26.94 -4.75
C VAL F 195 28.03 -27.45 -5.02
N THR F 196 28.38 -27.62 -6.30
CA THR F 196 29.68 -28.17 -6.67
C THR F 196 30.58 -27.07 -7.18
N ILE F 197 31.79 -27.00 -6.63
CA ILE F 197 32.69 -25.88 -6.87
C ILE F 197 33.95 -26.43 -7.53
N GLU F 198 34.39 -25.78 -8.62
CA GLU F 198 35.71 -26.05 -9.17
C GLU F 198 36.49 -24.73 -9.18
N MET F 199 37.80 -24.83 -8.97
CA MET F 199 38.58 -23.75 -8.41
C MET F 199 39.93 -23.63 -9.11
N ASN F 200 40.41 -22.40 -9.24
CA ASN F 200 41.81 -22.14 -9.59
C ASN F 200 42.52 -21.32 -8.53
N GLU F 201 41.93 -20.21 -8.10
CA GLU F 201 42.46 -19.36 -7.05
C GLU F 201 41.30 -18.60 -6.43
N PRO F 202 41.34 -18.31 -5.12
CA PRO F 202 40.22 -17.62 -4.47
C PRO F 202 40.08 -16.19 -4.96
N VAL F 203 38.83 -15.80 -5.27
CA VAL F 203 38.58 -14.61 -6.07
C VAL F 203 37.45 -13.84 -5.40
N GLN F 204 37.38 -12.54 -5.67
CA GLN F 204 36.43 -11.66 -5.00
C GLN F 204 36.03 -10.52 -5.92
N LEU F 205 34.75 -10.46 -6.30
CA LEU F 205 34.26 -9.41 -7.18
C LEU F 205 33.00 -8.77 -6.61
N THR F 206 32.61 -7.64 -7.18
CA THR F 206 31.44 -6.89 -6.77
C THR F 206 30.53 -6.66 -7.97
N PHE F 207 29.24 -6.97 -7.81
CA PHE F 207 28.28 -6.90 -8.90
C PHE F 207 27.06 -6.10 -8.47
N ALA F 208 26.37 -5.54 -9.46
CA ALA F 208 25.10 -4.88 -9.23
C ALA F 208 24.01 -5.94 -8.97
N LEU F 209 22.90 -5.48 -8.40
CA LEU F 209 21.81 -6.37 -8.03
C LEU F 209 20.54 -6.18 -8.83
N ARG F 210 20.39 -5.04 -9.51
CA ARG F 210 19.29 -4.88 -10.47
C ARG F 210 19.42 -5.89 -11.61
N TYR F 211 20.63 -6.00 -12.17
CA TYR F 211 20.87 -6.97 -13.22
C TYR F 211 20.94 -8.39 -12.68
N LEU F 212 21.31 -8.56 -11.41
CA LEU F 212 21.29 -9.90 -10.82
C LEU F 212 19.86 -10.37 -10.55
N ASN F 213 18.95 -9.45 -10.22
CA ASN F 213 17.53 -9.82 -10.16
C ASN F 213 16.98 -10.09 -11.56
N PHE F 214 17.48 -9.37 -12.57
CA PHE F 214 17.11 -9.66 -13.94
C PHE F 214 17.61 -11.04 -14.38
N PHE F 215 18.73 -11.49 -13.85
CA PHE F 215 19.20 -12.85 -14.13
C PHE F 215 18.46 -13.89 -13.30
N THR F 216 18.03 -13.49 -12.09
CA THR F 216 17.17 -14.29 -11.23
C THR F 216 15.83 -14.61 -11.88
N LYS F 217 15.35 -13.72 -12.75
CA LYS F 217 14.13 -13.96 -13.53
C LYS F 217 14.21 -15.16 -14.48
N ALA F 218 15.41 -15.67 -14.78
CA ALA F 218 15.60 -16.82 -15.66
C ALA F 218 15.59 -18.16 -14.94
N THR F 219 15.35 -18.17 -13.62
CA THR F 219 15.47 -19.41 -12.85
C THR F 219 14.46 -20.54 -13.14
N PRO F 220 13.24 -20.34 -13.67
CA PRO F 220 12.46 -21.52 -14.10
C PRO F 220 13.03 -22.34 -15.26
N LEU F 221 14.05 -21.85 -15.98
CA LEU F 221 14.66 -22.66 -17.04
C LEU F 221 15.39 -23.88 -16.49
N SER F 222 16.26 -23.68 -15.50
CA SER F 222 17.05 -24.78 -14.98
C SER F 222 16.96 -24.80 -13.47
N SER F 223 16.97 -26.01 -12.92
CA SER F 223 17.04 -26.18 -11.47
C SER F 223 18.43 -25.95 -10.92
N THR F 224 19.45 -25.91 -11.78
CA THR F 224 20.82 -25.67 -11.36
C THR F 224 21.44 -24.62 -12.28
N VAL F 225 22.08 -23.63 -11.69
CA VAL F 225 22.70 -22.53 -12.41
C VAL F 225 24.21 -22.60 -12.20
N THR F 226 24.98 -22.22 -13.21
CA THR F 226 26.43 -22.19 -13.14
C THR F 226 26.89 -20.73 -13.14
N LEU F 227 27.61 -20.34 -12.10
CA LEU F 227 28.21 -19.01 -12.04
C LEU F 227 29.72 -19.16 -12.23
N SER F 228 30.25 -18.43 -13.20
CA SER F 228 31.66 -18.49 -13.56
C SER F 228 32.26 -17.10 -13.44
N MET F 229 33.44 -17.02 -12.82
CA MET F 229 34.10 -15.74 -12.61
C MET F 229 35.60 -15.94 -12.52
N SER F 230 36.32 -14.87 -12.82
CA SER F 230 37.78 -14.83 -12.76
C SER F 230 38.20 -13.40 -12.46
N ALA F 231 39.48 -13.10 -12.68
CA ALA F 231 40.06 -11.80 -12.32
C ALA F 231 39.60 -10.72 -13.30
N ASP F 232 38.63 -9.91 -12.85
CA ASP F 232 38.10 -8.73 -13.56
C ASP F 232 37.52 -9.11 -14.93
N VAL F 233 36.76 -10.20 -14.97
CA VAL F 233 36.02 -10.61 -16.16
C VAL F 233 34.54 -10.50 -15.81
N PRO F 234 33.67 -10.40 -16.81
CA PRO F 234 32.22 -10.48 -16.54
C PRO F 234 31.82 -11.83 -15.95
N LEU F 235 30.89 -11.79 -15.00
CA LEU F 235 30.32 -12.99 -14.44
C LEU F 235 29.43 -13.68 -15.46
N VAL F 236 29.54 -15.01 -15.53
CA VAL F 236 28.71 -15.83 -16.38
C VAL F 236 27.66 -16.51 -15.51
N VAL F 237 26.40 -16.19 -15.77
CA VAL F 237 25.26 -16.83 -15.12
C VAL F 237 24.62 -17.71 -16.20
N GLU F 238 24.89 -19.01 -16.15
CA GLU F 238 24.51 -19.92 -17.22
C GLU F 238 23.41 -20.85 -16.73
N TYR F 239 22.32 -20.89 -17.49
CA TYR F 239 21.21 -21.81 -17.25
C TYR F 239 21.18 -22.82 -18.38
N LYS F 240 21.40 -24.09 -18.04
CA LYS F 240 21.36 -25.16 -19.03
C LYS F 240 19.89 -25.50 -19.29
N ILE F 241 19.43 -25.21 -20.50
CA ILE F 241 17.99 -25.22 -20.79
C ILE F 241 17.65 -26.63 -21.28
N ALA F 242 17.43 -27.53 -20.31
CA ALA F 242 16.85 -28.87 -20.48
C ALA F 242 17.60 -29.73 -21.49
N ASP F 243 18.93 -29.63 -21.46
CA ASP F 243 19.94 -30.18 -22.37
C ASP F 243 19.68 -29.89 -23.86
N MET F 244 18.98 -28.80 -24.15
CA MET F 244 18.76 -28.31 -25.50
C MET F 244 19.64 -27.12 -25.85
N GLY F 245 19.69 -26.12 -24.99
CA GLY F 245 20.59 -25.01 -25.18
C GLY F 245 21.03 -24.48 -23.83
N HIS F 246 21.73 -23.36 -23.86
CA HIS F 246 22.13 -22.68 -22.65
C HIS F 246 21.86 -21.19 -22.81
N LEU F 247 21.45 -20.56 -21.72
CA LEU F 247 21.28 -19.12 -21.67
C LEU F 247 22.35 -18.57 -20.73
N LYS F 248 23.31 -17.85 -21.30
CA LYS F 248 24.41 -17.28 -20.55
C LYS F 248 24.20 -15.79 -20.38
N TYR F 249 24.45 -15.30 -19.18
CA TYR F 249 24.40 -13.89 -18.87
C TYR F 249 25.80 -13.43 -18.51
N TYR F 250 26.24 -12.32 -19.07
CA TYR F 250 27.54 -11.75 -18.79
C TYR F 250 27.33 -10.41 -18.10
N LEU F 251 27.87 -10.28 -16.88
CA LEU F 251 27.70 -9.07 -16.09
C LEU F 251 29.05 -8.43 -15.82
N ALA F 252 29.19 -7.17 -16.19
CA ALA F 252 30.41 -6.43 -15.89
C ALA F 252 30.49 -6.13 -14.40
N PRO F 253 31.60 -6.43 -13.74
CA PRO F 253 31.70 -6.17 -12.30
C PRO F 253 31.84 -4.68 -12.00
N LYS F 254 31.20 -4.27 -10.91
CA LYS F 254 31.17 -2.87 -10.52
C LYS F 254 32.34 -2.55 -9.60
N MET G 1 -40.38 -8.83 4.14
CA MET G 1 -41.40 -9.66 3.51
C MET G 1 -40.84 -10.60 2.45
N PHE G 2 -39.68 -10.23 1.89
CA PHE G 2 -39.01 -11.01 0.86
C PHE G 2 -37.89 -11.83 1.49
N GLU G 3 -37.85 -13.13 1.13
CA GLU G 3 -36.83 -14.03 1.64
C GLU G 3 -36.29 -14.85 0.48
N ALA G 4 -34.96 -15.02 0.45
CA ALA G 4 -34.33 -15.85 -0.57
C ALA G 4 -33.09 -16.47 0.05
N ARG G 5 -33.24 -17.70 0.56
CA ARG G 5 -32.14 -18.38 1.23
C ARG G 5 -31.65 -19.54 0.37
N LEU G 6 -30.35 -19.54 0.10
CA LEU G 6 -29.69 -20.58 -0.67
C LEU G 6 -28.46 -21.07 0.10
N VAL G 7 -28.28 -22.39 0.12
CA VAL G 7 -27.28 -23.03 0.99
C VAL G 7 -25.87 -22.72 0.54
N GLN G 8 -25.60 -22.80 -0.75
CA GLN G 8 -24.31 -22.38 -1.29
C GLN G 8 -24.52 -21.06 -2.03
N GLY G 9 -23.95 -20.00 -1.46
CA GLY G 9 -24.07 -18.63 -1.93
C GLY G 9 -22.87 -18.13 -2.68
N SER G 10 -21.93 -19.02 -2.99
CA SER G 10 -20.82 -18.69 -3.88
C SER G 10 -21.31 -18.38 -5.29
N ILE G 11 -22.47 -18.90 -5.68
CA ILE G 11 -23.18 -18.47 -6.89
C ILE G 11 -23.42 -16.97 -6.89
N LEU G 12 -23.98 -16.46 -5.79
CA LEU G 12 -24.30 -15.03 -5.71
C LEU G 12 -23.03 -14.20 -5.62
N LYS G 13 -22.01 -14.73 -4.94
CA LYS G 13 -20.69 -14.10 -4.88
C LYS G 13 -20.10 -13.95 -6.27
N LYS G 14 -20.03 -15.04 -7.04
CA LYS G 14 -19.43 -15.00 -8.37
C LYS G 14 -20.29 -14.23 -9.36
N VAL G 15 -21.60 -14.08 -9.13
CA VAL G 15 -22.38 -13.10 -9.89
C VAL G 15 -21.92 -11.68 -9.60
N LEU G 16 -21.64 -11.37 -8.33
CA LEU G 16 -21.24 -9.99 -8.03
C LEU G 16 -19.81 -9.66 -8.48
N GLU G 17 -18.87 -10.62 -8.42
CA GLU G 17 -17.61 -10.35 -9.14
C GLU G 17 -17.67 -10.71 -10.62
N ALA G 18 -18.83 -11.12 -11.13
CA ALA G 18 -19.00 -11.16 -12.58
C ALA G 18 -19.41 -9.79 -13.12
N LEU G 19 -20.41 -9.18 -12.48
CA LEU G 19 -21.00 -7.95 -12.98
C LEU G 19 -20.85 -6.76 -12.04
N LYS G 20 -19.82 -6.75 -11.18
CA LYS G 20 -19.51 -5.56 -10.40
C LYS G 20 -18.69 -4.55 -11.18
N ASP G 21 -18.12 -4.95 -12.32
CA ASP G 21 -17.21 -4.09 -13.06
C ASP G 21 -17.85 -3.45 -14.27
N LEU G 22 -18.87 -4.11 -14.85
CA LEU G 22 -19.59 -3.52 -15.96
C LEU G 22 -20.49 -2.40 -15.50
N ILE G 23 -21.22 -2.62 -14.41
CA ILE G 23 -22.35 -1.77 -14.02
C ILE G 23 -22.03 -1.17 -12.66
N ASN G 24 -22.14 0.15 -12.57
CA ASN G 24 -21.99 0.82 -11.28
C ASN G 24 -23.21 0.66 -10.38
N GLU G 25 -24.41 0.66 -10.95
CA GLU G 25 -25.64 0.62 -10.17
C GLU G 25 -26.72 -0.02 -11.02
N ALA G 26 -27.38 -1.07 -10.49
CA ALA G 26 -28.35 -1.79 -11.29
C ALA G 26 -29.59 -2.12 -10.46
N CYS G 27 -30.71 -2.27 -11.16
CA CYS G 27 -32.00 -2.52 -10.53
C CYS G 27 -32.29 -4.02 -10.56
N TRP G 28 -32.20 -4.65 -9.39
CA TRP G 28 -32.70 -6.00 -9.18
C TRP G 28 -34.23 -5.96 -9.26
N ASP G 29 -34.78 -6.54 -10.33
CA ASP G 29 -36.23 -6.68 -10.47
C ASP G 29 -36.59 -8.02 -9.84
N ILE G 30 -37.09 -7.96 -8.62
CA ILE G 30 -37.37 -9.18 -7.85
C ILE G 30 -38.86 -9.46 -7.92
N SER G 31 -39.22 -10.61 -8.49
CA SER G 31 -40.60 -11.06 -8.54
C SER G 31 -40.70 -12.46 -7.98
N SER G 32 -41.90 -13.04 -7.98
CA SER G 32 -42.09 -14.39 -7.45
C SER G 32 -41.44 -15.46 -8.31
N SER G 33 -41.17 -15.16 -9.59
CA SER G 33 -40.32 -16.04 -10.39
C SER G 33 -38.88 -16.02 -9.90
N GLY G 34 -38.39 -14.87 -9.47
CA GLY G 34 -37.03 -14.78 -8.98
C GLY G 34 -36.44 -13.41 -9.26
N VAL G 35 -35.12 -13.39 -9.37
CA VAL G 35 -34.38 -12.15 -9.61
C VAL G 35 -34.11 -12.02 -11.11
N ASN G 36 -34.53 -10.90 -11.70
CA ASN G 36 -34.28 -10.65 -13.12
C ASN G 36 -33.62 -9.28 -13.24
N LEU G 37 -32.30 -9.25 -13.11
CA LEU G 37 -31.55 -8.05 -13.44
C LEU G 37 -31.55 -7.87 -14.95
N GLN G 38 -31.83 -6.67 -15.42
CA GLN G 38 -31.82 -6.38 -16.85
C GLN G 38 -31.37 -4.94 -17.01
N SER G 39 -30.08 -4.73 -17.19
CA SER G 39 -29.57 -3.37 -17.31
C SER G 39 -28.49 -3.36 -18.37
N MET G 40 -27.77 -2.25 -18.45
CA MET G 40 -26.81 -2.05 -19.52
C MET G 40 -25.49 -1.57 -18.92
N ASP G 41 -24.53 -1.29 -19.79
CA ASP G 41 -23.20 -0.87 -19.40
C ASP G 41 -23.24 0.53 -18.77
N SER G 42 -22.19 0.84 -18.00
CA SER G 42 -22.00 2.21 -17.54
C SER G 42 -21.65 3.15 -18.69
N SER G 43 -20.99 2.63 -19.73
CA SER G 43 -20.77 3.35 -20.98
C SER G 43 -21.89 3.10 -21.98
N HIS G 44 -22.92 2.34 -21.59
CA HIS G 44 -24.15 2.08 -22.35
C HIS G 44 -23.89 1.39 -23.69
N VAL G 45 -23.02 0.38 -23.68
CA VAL G 45 -22.70 -0.40 -24.86
C VAL G 45 -23.21 -1.84 -24.73
N SER G 46 -22.92 -2.49 -23.61
CA SER G 46 -23.19 -3.90 -23.42
C SER G 46 -24.31 -4.09 -22.40
N LEU G 47 -25.20 -5.04 -22.67
CA LEU G 47 -26.34 -5.29 -21.80
C LEU G 47 -26.07 -6.53 -20.96
N VAL G 48 -26.59 -6.53 -19.73
CA VAL G 48 -26.48 -7.64 -18.80
C VAL G 48 -27.89 -8.07 -18.40
N GLN G 49 -28.19 -9.36 -18.56
CA GLN G 49 -29.48 -9.91 -18.21
C GLN G 49 -29.23 -11.10 -17.29
N LEU G 50 -29.35 -10.88 -16.00
CA LEU G 50 -29.21 -11.93 -14.99
C LEU G 50 -30.59 -12.47 -14.64
N THR G 51 -30.70 -13.79 -14.60
CA THR G 51 -31.94 -14.43 -14.17
C THR G 51 -31.61 -15.54 -13.19
N LEU G 52 -32.01 -15.35 -11.93
CA LEU G 52 -31.93 -16.38 -10.90
C LEU G 52 -33.35 -16.80 -10.58
N ARG G 53 -33.72 -18.00 -11.01
CA ARG G 53 -35.05 -18.50 -10.76
C ARG G 53 -35.19 -18.98 -9.32
N SER G 54 -36.44 -19.12 -8.87
CA SER G 54 -36.72 -19.42 -7.48
C SER G 54 -36.63 -20.90 -7.14
N GLU G 55 -36.32 -21.76 -8.12
CA GLU G 55 -36.22 -23.19 -7.84
C GLU G 55 -34.95 -23.52 -7.07
N GLY G 56 -33.82 -22.92 -7.43
CA GLY G 56 -32.58 -23.19 -6.74
C GLY G 56 -32.39 -22.41 -5.47
N PHE G 57 -33.11 -21.30 -5.29
CA PHE G 57 -33.22 -20.69 -3.97
C PHE G 57 -33.96 -21.66 -3.06
N ASP G 58 -33.31 -22.05 -1.97
CA ASP G 58 -33.75 -23.22 -1.22
C ASP G 58 -34.99 -22.92 -0.38
N THR G 59 -35.11 -21.70 0.13
CA THR G 59 -36.42 -21.17 0.56
C THR G 59 -36.58 -19.80 -0.09
N TYR G 60 -37.53 -19.70 -1.03
CA TYR G 60 -37.87 -18.45 -1.67
C TYR G 60 -39.28 -18.06 -1.29
N ARG G 61 -39.46 -16.78 -0.98
CA ARG G 61 -40.78 -16.28 -0.58
C ARG G 61 -40.84 -14.81 -0.93
N CYS G 62 -41.53 -14.48 -2.03
CA CYS G 62 -41.72 -13.10 -2.46
C CYS G 62 -43.21 -12.84 -2.60
N ASP G 63 -43.63 -11.65 -2.15
CA ASP G 63 -45.04 -11.29 -2.17
C ASP G 63 -45.37 -10.16 -3.13
N ARG G 64 -44.44 -9.24 -3.37
CA ARG G 64 -44.66 -8.10 -4.24
C ARG G 64 -43.49 -8.04 -5.23
N ASN G 65 -43.78 -7.62 -6.46
CA ASN G 65 -42.75 -7.49 -7.49
C ASN G 65 -41.97 -6.21 -7.26
N LEU G 66 -40.98 -6.28 -6.37
CA LEU G 66 -40.15 -5.12 -6.09
C LEU G 66 -39.13 -4.89 -7.20
N ALA G 67 -38.58 -3.69 -7.21
CA ALA G 67 -37.53 -3.30 -8.14
C ALA G 67 -36.56 -2.42 -7.35
N MET G 68 -35.55 -3.04 -6.75
CA MET G 68 -34.64 -2.33 -5.85
C MET G 68 -33.31 -2.05 -6.54
N GLY G 69 -32.84 -0.81 -6.42
CA GLY G 69 -31.61 -0.43 -7.10
C GLY G 69 -30.39 -0.53 -6.23
N VAL G 70 -29.57 -1.56 -6.46
CA VAL G 70 -28.39 -1.81 -5.66
C VAL G 70 -27.17 -1.18 -6.30
N ASN G 71 -26.33 -0.60 -5.45
CA ASN G 71 -24.97 -0.24 -5.82
C ASN G 71 -24.12 -1.52 -5.86
N LEU G 72 -23.72 -1.92 -7.06
CA LEU G 72 -23.08 -3.22 -7.23
C LEU G 72 -21.65 -3.26 -6.70
N THR G 73 -20.98 -2.11 -6.64
CA THR G 73 -19.70 -2.06 -5.92
C THR G 73 -19.92 -2.28 -4.44
N SER G 74 -20.96 -1.65 -3.87
CA SER G 74 -21.30 -1.86 -2.47
C SER G 74 -21.80 -3.26 -2.20
N MET G 75 -22.60 -3.81 -3.13
CA MET G 75 -23.11 -5.18 -2.96
C MET G 75 -21.99 -6.21 -3.11
N SER G 76 -21.03 -5.95 -4.00
CA SER G 76 -19.90 -6.87 -4.13
C SER G 76 -18.95 -6.77 -2.95
N LYS G 77 -18.80 -5.57 -2.37
CA LYS G 77 -17.97 -5.45 -1.18
C LYS G 77 -18.65 -6.05 0.05
N ILE G 78 -19.99 -6.04 0.08
CA ILE G 78 -20.72 -6.77 1.12
C ILE G 78 -20.63 -8.28 0.91
N LEU G 79 -20.72 -8.76 -0.32
CA LEU G 79 -20.61 -10.19 -0.59
C LEU G 79 -19.19 -10.71 -0.63
N LYS G 80 -18.19 -9.83 -0.56
CA LYS G 80 -16.83 -10.29 -0.26
C LYS G 80 -16.69 -10.79 1.16
N CYS G 81 -17.60 -10.38 2.05
CA CYS G 81 -17.56 -10.85 3.43
C CYS G 81 -17.98 -12.31 3.56
N ALA G 82 -18.89 -12.77 2.71
CA ALA G 82 -19.29 -14.16 2.73
C ALA G 82 -18.18 -15.05 2.17
N GLY G 83 -18.07 -16.26 2.71
CA GLY G 83 -17.15 -17.23 2.19
C GLY G 83 -17.75 -18.00 1.03
N ASN G 84 -17.03 -19.03 0.60
CA ASN G 84 -17.48 -19.82 -0.55
C ASN G 84 -18.55 -20.83 -0.19
N GLU G 85 -18.89 -20.99 1.09
CA GLU G 85 -19.88 -21.98 1.49
C GLU G 85 -20.83 -21.44 2.56
N ASP G 86 -21.12 -20.14 2.54
CA ASP G 86 -22.08 -19.58 3.46
C ASP G 86 -23.50 -19.67 2.92
N ILE G 87 -24.41 -20.06 3.81
CA ILE G 87 -25.84 -20.01 3.51
C ILE G 87 -26.27 -18.55 3.48
N ILE G 88 -26.68 -18.07 2.32
CA ILE G 88 -26.99 -16.66 2.12
C ILE G 88 -28.51 -16.52 2.07
N THR G 89 -29.05 -15.72 2.98
CA THR G 89 -30.47 -15.42 3.07
C THR G 89 -30.64 -13.93 2.78
N LEU G 90 -31.25 -13.62 1.64
CA LEU G 90 -31.58 -12.24 1.30
C LEU G 90 -32.91 -11.92 1.96
N ARG G 91 -32.94 -10.82 2.71
CA ARG G 91 -34.11 -10.36 3.42
C ARG G 91 -34.40 -8.96 2.93
N ALA G 92 -35.67 -8.60 2.83
CA ALA G 92 -36.03 -7.27 2.37
C ALA G 92 -37.31 -6.82 3.06
N GLU G 93 -37.52 -5.51 3.08
CA GLU G 93 -38.71 -4.91 3.65
C GLU G 93 -39.44 -4.09 2.59
N ASP G 94 -40.77 -4.17 2.60
CA ASP G 94 -41.57 -3.42 1.65
C ASP G 94 -41.56 -1.93 1.95
N ASN G 95 -41.37 -1.55 3.22
CA ASN G 95 -41.30 -0.15 3.61
C ASN G 95 -39.86 0.35 3.64
N ALA G 96 -38.98 -0.34 4.36
CA ALA G 96 -37.60 0.09 4.52
C ALA G 96 -36.80 -0.14 3.25
N ASP G 97 -35.89 0.79 2.97
CA ASP G 97 -34.98 0.71 1.82
C ASP G 97 -33.65 0.05 2.18
N THR G 98 -33.72 -1.03 2.94
CA THR G 98 -32.56 -1.79 3.36
C THR G 98 -32.65 -3.21 2.83
N LEU G 99 -31.60 -3.67 2.18
CA LEU G 99 -31.50 -5.05 1.68
C LEU G 99 -30.59 -5.82 2.64
N ALA G 100 -31.20 -6.64 3.48
CA ALA G 100 -30.44 -7.42 4.45
C ALA G 100 -29.91 -8.70 3.83
N LEU G 101 -28.72 -9.11 4.27
CA LEU G 101 -28.06 -10.31 3.79
C LEU G 101 -27.53 -11.06 5.00
N VAL G 102 -27.95 -12.31 5.18
CA VAL G 102 -27.55 -13.11 6.32
C VAL G 102 -26.67 -14.24 5.81
N PHE G 103 -25.43 -14.27 6.26
CA PHE G 103 -24.48 -15.31 5.91
C PHE G 103 -24.35 -16.25 7.11
N GLU G 104 -24.57 -17.53 6.89
CA GLU G 104 -24.44 -18.54 7.93
C GLU G 104 -23.31 -19.50 7.58
N ALA G 105 -22.44 -19.76 8.54
CA ALA G 105 -21.31 -20.65 8.32
C ALA G 105 -21.78 -22.11 8.30
N PRO G 106 -21.00 -23.00 7.65
CA PRO G 106 -21.28 -24.44 7.80
C PRO G 106 -21.18 -24.95 9.22
N ASN G 107 -20.25 -24.42 10.01
CA ASN G 107 -20.30 -24.56 11.47
C ASN G 107 -21.14 -23.40 12.02
N GLN G 108 -22.40 -23.70 12.33
CA GLN G 108 -23.44 -22.67 12.51
C GLN G 108 -23.28 -21.97 13.86
N GLU G 109 -22.27 -21.11 13.93
CA GLU G 109 -22.19 -20.10 14.98
C GLU G 109 -21.93 -18.70 14.46
N LYS G 110 -21.31 -18.55 13.28
CA LYS G 110 -20.98 -17.24 12.73
C LYS G 110 -22.14 -16.79 11.85
N VAL G 111 -22.97 -15.90 12.38
CA VAL G 111 -24.12 -15.35 11.66
C VAL G 111 -23.82 -13.90 11.34
N SER G 112 -23.83 -13.57 10.06
CA SER G 112 -23.51 -12.23 9.59
C SER G 112 -24.77 -11.60 9.03
N ASP G 113 -25.02 -10.34 9.37
CA ASP G 113 -26.26 -9.64 9.00
C ASP G 113 -25.91 -8.26 8.45
N TYR G 114 -25.69 -8.18 7.15
CA TYR G 114 -25.29 -6.93 6.49
C TYR G 114 -26.49 -6.27 5.85
N GLU G 115 -26.72 -5.00 6.18
CA GLU G 115 -27.74 -4.23 5.49
C GLU G 115 -27.11 -3.48 4.32
N MET G 116 -27.93 -2.98 3.41
CA MET G 116 -27.45 -2.26 2.25
C MET G 116 -28.32 -1.05 1.99
N LYS G 117 -27.70 0.08 1.68
CA LYS G 117 -28.45 1.22 1.19
C LYS G 117 -28.92 0.95 -0.24
N LEU G 118 -30.16 1.36 -0.52
CA LEU G 118 -30.78 1.11 -1.81
C LEU G 118 -30.92 2.41 -2.58
N MET G 119 -31.58 2.31 -3.73
CA MET G 119 -31.89 3.46 -4.57
C MET G 119 -33.16 3.16 -5.36
N ASP G 120 -34.00 4.18 -5.53
CA ASP G 120 -35.28 4.03 -6.22
C ASP G 120 -35.22 4.48 -7.67
N LEU G 121 -34.09 4.26 -8.34
CA LEU G 121 -33.96 4.66 -9.73
C LEU G 121 -34.73 3.70 -10.64
N ASP G 122 -35.03 4.19 -11.85
CA ASP G 122 -35.82 3.44 -12.83
C ASP G 122 -35.11 3.50 -14.18
N VAL G 123 -34.36 2.46 -14.51
CA VAL G 123 -33.78 2.35 -15.84
C VAL G 123 -34.87 1.93 -16.81
N GLU G 124 -34.75 2.35 -18.07
CA GLU G 124 -35.74 2.03 -19.07
C GLU G 124 -35.60 0.58 -19.51
N GLN G 125 -36.72 -0.05 -19.80
CA GLN G 125 -36.75 -1.46 -20.16
C GLN G 125 -36.31 -1.63 -21.61
N LEU G 126 -35.09 -2.13 -21.81
CA LEU G 126 -34.59 -2.49 -23.13
C LEU G 126 -34.75 -4.00 -23.30
N GLY G 127 -36.00 -4.42 -23.51
CA GLY G 127 -36.30 -5.83 -23.62
C GLY G 127 -35.98 -6.37 -24.99
N ILE G 128 -34.90 -7.12 -25.10
CA ILE G 128 -34.49 -7.68 -26.39
C ILE G 128 -35.36 -8.90 -26.69
N PRO G 129 -36.00 -8.95 -27.87
CA PRO G 129 -36.75 -10.14 -28.24
C PRO G 129 -35.82 -11.31 -28.54
N GLU G 130 -36.34 -12.51 -28.33
CA GLU G 130 -35.59 -13.74 -28.56
C GLU G 130 -35.89 -14.27 -29.94
N GLN G 131 -34.84 -14.55 -30.71
CA GLN G 131 -34.99 -15.02 -32.09
C GLN G 131 -34.20 -16.31 -32.28
N GLU G 132 -34.48 -16.98 -33.40
CA GLU G 132 -33.78 -18.20 -33.76
C GLU G 132 -32.37 -17.85 -34.19
N TYR G 133 -31.41 -18.01 -33.29
CA TYR G 133 -30.02 -17.67 -33.56
C TYR G 133 -29.38 -18.70 -34.48
N SER G 134 -28.54 -18.21 -35.40
CA SER G 134 -27.92 -19.10 -36.38
C SER G 134 -26.78 -19.90 -35.78
N CYS G 135 -25.75 -19.20 -35.31
CA CYS G 135 -24.53 -19.85 -34.82
C CYS G 135 -24.55 -19.85 -33.29
N VAL G 136 -24.24 -20.99 -32.69
CA VAL G 136 -24.11 -21.06 -31.24
C VAL G 136 -23.01 -22.07 -30.89
N VAL G 137 -22.11 -21.67 -30.00
CA VAL G 137 -21.01 -22.52 -29.56
C VAL G 137 -21.08 -22.67 -28.04
N LYS G 138 -20.61 -23.81 -27.57
CA LYS G 138 -20.59 -24.15 -26.15
C LYS G 138 -19.17 -24.61 -25.84
N MET G 139 -18.42 -23.75 -25.17
CA MET G 139 -17.01 -23.93 -24.88
C MET G 139 -16.79 -24.10 -23.38
N PRO G 140 -15.62 -24.55 -22.94
CA PRO G 140 -15.25 -24.37 -21.53
C PRO G 140 -15.10 -22.90 -21.18
N SER G 141 -15.36 -22.59 -19.91
CA SER G 141 -15.28 -21.20 -19.46
C SER G 141 -13.85 -20.71 -19.38
N GLY G 142 -12.94 -21.56 -18.87
CA GLY G 142 -11.53 -21.20 -18.83
C GLY G 142 -10.92 -21.03 -20.21
N GLU G 143 -11.43 -21.78 -21.19
CA GLU G 143 -10.94 -21.67 -22.56
C GLU G 143 -11.31 -20.32 -23.17
N PHE G 144 -12.57 -19.91 -23.04
CA PHE G 144 -13.01 -18.62 -23.59
C PHE G 144 -12.42 -17.45 -22.81
N ALA G 145 -12.25 -17.62 -21.50
CA ALA G 145 -11.60 -16.59 -20.68
C ALA G 145 -10.14 -16.41 -21.08
N ARG G 146 -9.45 -17.53 -21.34
CA ARG G 146 -8.08 -17.49 -21.82
C ARG G 146 -7.99 -16.84 -23.20
N ILE G 147 -8.97 -17.13 -24.07
CA ILE G 147 -8.99 -16.59 -25.43
C ILE G 147 -9.16 -15.08 -25.41
N CYS G 148 -10.10 -14.59 -24.59
CA CYS G 148 -10.31 -13.15 -24.48
C CYS G 148 -9.13 -12.46 -23.82
N ARG G 149 -8.55 -13.09 -22.78
CA ARG G 149 -7.44 -12.47 -22.07
C ARG G 149 -6.16 -12.45 -22.89
N ASP G 150 -5.96 -13.44 -23.77
CA ASP G 150 -4.69 -13.44 -24.51
C ASP G 150 -4.83 -12.77 -25.87
N LEU G 151 -6.06 -12.55 -26.34
CA LEU G 151 -6.21 -11.67 -27.50
C LEU G 151 -6.38 -10.22 -27.11
N SER G 152 -6.62 -9.92 -25.84
CA SER G 152 -6.65 -8.53 -25.40
C SER G 152 -5.26 -7.89 -25.38
N HIS G 153 -4.19 -8.70 -25.36
CA HIS G 153 -2.85 -8.17 -25.47
C HIS G 153 -2.53 -7.68 -26.87
N ILE G 154 -3.29 -8.12 -27.87
CA ILE G 154 -3.02 -7.79 -29.27
C ILE G 154 -3.76 -6.53 -29.67
N GLY G 155 -5.10 -6.54 -29.55
CA GLY G 155 -5.90 -5.45 -30.03
C GLY G 155 -7.22 -5.35 -29.30
N ASP G 156 -7.96 -4.28 -29.61
CA ASP G 156 -9.24 -4.00 -28.97
C ASP G 156 -10.40 -4.76 -29.60
N ALA G 157 -10.22 -5.35 -30.77
CA ALA G 157 -11.31 -5.99 -31.48
C ALA G 157 -10.97 -7.44 -31.80
N VAL G 158 -12.00 -8.26 -31.89
CA VAL G 158 -11.88 -9.67 -32.24
C VAL G 158 -12.89 -9.97 -33.33
N VAL G 159 -12.50 -10.84 -34.27
CA VAL G 159 -13.39 -11.32 -35.31
C VAL G 159 -13.67 -12.79 -35.01
N ILE G 160 -14.91 -13.07 -34.63
CA ILE G 160 -15.34 -14.44 -34.36
C ILE G 160 -16.05 -14.96 -35.61
N SER G 161 -15.54 -16.06 -36.14
CA SER G 161 -16.10 -16.70 -37.33
C SER G 161 -16.27 -18.18 -37.05
N CYS G 162 -17.50 -18.67 -37.18
CA CYS G 162 -17.80 -20.06 -36.89
C CYS G 162 -18.18 -20.78 -38.18
N ALA G 163 -17.75 -22.03 -38.31
CA ALA G 163 -18.04 -22.82 -39.50
C ALA G 163 -18.22 -24.28 -39.13
N LYS G 164 -18.14 -25.17 -40.13
CA LYS G 164 -18.33 -26.60 -39.87
C LYS G 164 -17.15 -27.19 -39.11
N ASP G 165 -15.93 -26.73 -39.40
CA ASP G 165 -14.76 -27.27 -38.72
C ASP G 165 -14.66 -26.76 -37.28
N GLY G 166 -14.98 -25.49 -37.05
CA GLY G 166 -14.91 -24.96 -35.70
C GLY G 166 -15.05 -23.44 -35.70
N VAL G 167 -14.61 -22.85 -34.60
CA VAL G 167 -14.73 -21.41 -34.37
C VAL G 167 -13.32 -20.80 -34.42
N LYS G 168 -13.25 -19.55 -34.85
CA LYS G 168 -11.98 -18.86 -34.98
C LYS G 168 -12.11 -17.43 -34.46
N PHE G 169 -11.24 -17.07 -33.53
CA PHE G 169 -11.17 -15.74 -32.96
C PHE G 169 -9.91 -15.06 -33.49
N SER G 170 -10.08 -13.94 -34.17
CA SER G 170 -8.98 -13.27 -34.86
C SER G 170 -8.82 -11.86 -34.34
N ALA G 171 -7.70 -11.59 -33.67
CA ALA G 171 -7.40 -10.26 -33.18
C ALA G 171 -6.30 -9.64 -34.03
N SER G 172 -6.25 -8.31 -34.06
CA SER G 172 -5.25 -7.60 -34.83
C SER G 172 -4.89 -6.30 -34.13
N GLY G 173 -3.70 -5.79 -34.44
CA GLY G 173 -3.24 -4.56 -33.84
C GLY G 173 -1.76 -4.36 -34.14
N GLU G 174 -1.19 -3.34 -33.49
CA GLU G 174 0.22 -3.02 -33.71
C GLU G 174 1.16 -4.02 -33.07
N LEU G 175 0.67 -4.88 -32.18
CA LEU G 175 1.46 -6.02 -31.74
C LEU G 175 1.60 -7.05 -32.85
N GLY G 176 0.62 -7.13 -33.74
CA GLY G 176 0.55 -8.14 -34.77
C GLY G 176 -0.87 -8.64 -34.89
N ASN G 177 -1.03 -9.87 -35.37
CA ASN G 177 -2.35 -10.46 -35.48
C ASN G 177 -2.31 -11.89 -34.98
N GLY G 178 -3.47 -12.38 -34.54
CA GLY G 178 -3.55 -13.72 -33.98
C GLY G 178 -4.86 -14.42 -34.27
N ASN G 179 -4.76 -15.68 -34.70
CA ASN G 179 -5.92 -16.50 -35.02
C ASN G 179 -5.94 -17.67 -34.05
N ILE G 180 -7.06 -17.86 -33.35
CA ILE G 180 -7.26 -19.02 -32.50
C ILE G 180 -8.39 -19.84 -33.08
N LYS G 181 -8.12 -21.10 -33.38
CA LYS G 181 -9.10 -22.00 -33.97
C LYS G 181 -9.40 -23.14 -33.02
N LEU G 182 -10.69 -23.39 -32.77
CA LEU G 182 -11.14 -24.48 -31.92
C LEU G 182 -12.07 -25.37 -32.71
N SER G 183 -11.71 -26.64 -32.84
CA SER G 183 -12.56 -27.60 -33.51
C SER G 183 -13.56 -28.21 -32.51
N GLN G 184 -14.62 -28.79 -33.04
CA GLN G 184 -15.63 -29.43 -32.22
C GLN G 184 -15.11 -30.77 -31.71
N THR G 185 -15.11 -30.93 -30.40
CA THR G 185 -14.63 -32.17 -29.80
C THR G 185 -15.64 -33.29 -29.97
N SER G 186 -15.13 -34.52 -29.98
CA SER G 186 -15.96 -35.70 -30.22
C SER G 186 -16.49 -36.32 -28.92
N ASN G 187 -17.14 -35.46 -28.11
CA ASN G 187 -17.86 -35.82 -26.88
C ASN G 187 -16.95 -36.51 -25.86
N VAL G 188 -15.92 -35.77 -25.42
CA VAL G 188 -15.06 -36.25 -24.34
C VAL G 188 -15.82 -36.25 -23.02
N ASP G 189 -16.54 -35.16 -22.75
CA ASP G 189 -17.35 -35.04 -21.54
C ASP G 189 -18.49 -34.08 -21.84
N LYS G 190 -19.47 -34.06 -20.93
CA LYS G 190 -20.64 -33.19 -21.13
C LYS G 190 -20.28 -31.73 -20.91
N GLU G 191 -19.56 -31.42 -19.82
CA GLU G 191 -19.27 -30.05 -19.45
C GLU G 191 -17.78 -29.72 -19.37
N GLU G 192 -16.91 -30.71 -19.14
CA GLU G 192 -15.49 -30.46 -18.89
C GLU G 192 -14.71 -30.72 -20.17
N GLU G 193 -14.10 -29.64 -20.70
CA GLU G 193 -13.23 -29.64 -21.88
C GLU G 193 -13.95 -30.19 -23.12
N ALA G 194 -14.99 -29.47 -23.54
CA ALA G 194 -15.77 -29.87 -24.70
C ALA G 194 -16.34 -28.64 -25.38
N VAL G 195 -16.09 -28.53 -26.68
CA VAL G 195 -16.65 -27.47 -27.52
C VAL G 195 -17.64 -28.10 -28.48
N THR G 196 -18.89 -27.67 -28.41
CA THR G 196 -19.93 -28.16 -29.31
C THR G 196 -20.52 -26.97 -30.07
N ILE G 197 -20.69 -27.13 -31.38
CA ILE G 197 -21.17 -26.06 -32.24
C ILE G 197 -22.47 -26.49 -32.92
N GLU G 198 -23.44 -25.57 -32.99
CA GLU G 198 -24.63 -25.74 -33.80
C GLU G 198 -24.72 -24.58 -34.77
N MET G 199 -25.05 -24.91 -36.02
CA MET G 199 -24.73 -24.11 -37.18
C MET G 199 -25.94 -23.95 -38.09
N ASN G 200 -26.14 -22.72 -38.58
CA ASN G 200 -27.09 -22.47 -39.66
C ASN G 200 -26.45 -21.81 -40.88
N GLU G 201 -25.59 -20.80 -40.68
CA GLU G 201 -25.02 -20.07 -41.81
C GLU G 201 -23.68 -19.47 -41.42
N PRO G 202 -22.71 -19.41 -42.34
CA PRO G 202 -21.39 -18.85 -42.00
C PRO G 202 -21.43 -17.34 -41.91
N VAL G 203 -20.93 -16.81 -40.79
CA VAL G 203 -20.87 -15.37 -40.56
C VAL G 203 -19.68 -15.08 -39.65
N GLN G 204 -19.02 -13.95 -39.92
CA GLN G 204 -17.95 -13.45 -39.07
C GLN G 204 -18.38 -12.10 -38.49
N LEU G 205 -18.07 -11.89 -37.22
CA LEU G 205 -18.52 -10.70 -36.51
C LEU G 205 -17.36 -10.08 -35.74
N THR G 206 -17.35 -8.76 -35.67
CA THR G 206 -16.30 -8.02 -34.96
C THR G 206 -16.86 -7.46 -33.67
N PHE G 207 -16.20 -7.78 -32.56
CA PHE G 207 -16.60 -7.32 -31.23
C PHE G 207 -15.45 -6.58 -30.57
N ALA G 208 -15.81 -5.69 -29.63
CA ALA G 208 -14.82 -5.12 -28.74
C ALA G 208 -14.35 -6.17 -27.76
N LEU G 209 -13.08 -6.09 -27.36
CA LEU G 209 -12.49 -7.10 -26.51
C LEU G 209 -12.40 -6.71 -25.04
N ARG G 210 -12.46 -5.42 -24.72
CA ARG G 210 -12.52 -5.00 -23.32
C ARG G 210 -13.84 -5.41 -22.68
N TYR G 211 -14.94 -5.28 -23.43
CA TYR G 211 -16.23 -5.75 -22.96
C TYR G 211 -16.27 -7.28 -22.88
N LEU G 212 -15.54 -7.97 -23.75
CA LEU G 212 -15.45 -9.42 -23.62
C LEU G 212 -14.60 -9.84 -22.42
N ASN G 213 -13.60 -9.03 -22.06
CA ASN G 213 -12.86 -9.26 -20.82
C ASN G 213 -13.74 -9.06 -19.59
N PHE G 214 -14.62 -8.06 -19.64
CA PHE G 214 -15.60 -7.91 -18.57
C PHE G 214 -16.65 -9.02 -18.59
N PHE G 215 -16.90 -9.60 -19.77
CA PHE G 215 -17.86 -10.70 -19.86
C PHE G 215 -17.29 -11.98 -19.28
N THR G 216 -15.99 -12.21 -19.43
CA THR G 216 -15.35 -13.42 -18.95
C THR G 216 -15.03 -13.40 -17.45
N LYS G 217 -15.54 -12.42 -16.70
CA LYS G 217 -15.49 -12.48 -15.24
C LYS G 217 -16.58 -13.37 -14.67
N ALA G 218 -17.52 -13.82 -15.48
CA ALA G 218 -18.53 -14.79 -15.09
C ALA G 218 -18.09 -16.23 -15.33
N THR G 219 -16.83 -16.43 -15.70
CA THR G 219 -16.37 -17.79 -15.97
C THR G 219 -16.27 -18.74 -14.76
N PRO G 220 -16.07 -18.32 -13.50
CA PRO G 220 -16.22 -19.30 -12.42
C PRO G 220 -17.66 -19.68 -12.08
N LEU G 221 -18.67 -19.04 -12.68
CA LEU G 221 -20.06 -19.41 -12.43
C LEU G 221 -20.38 -20.78 -13.01
N SER G 222 -20.29 -20.90 -14.32
CA SER G 222 -20.57 -22.13 -15.02
C SER G 222 -19.32 -22.57 -15.77
N SER G 223 -19.23 -23.88 -16.02
CA SER G 223 -18.09 -24.41 -16.76
C SER G 223 -18.29 -24.35 -18.27
N THR G 224 -19.44 -23.87 -18.74
CA THR G 224 -19.74 -23.79 -20.18
C THR G 224 -20.14 -22.38 -20.55
N VAL G 225 -19.47 -21.81 -21.54
CA VAL G 225 -19.83 -20.55 -22.16
C VAL G 225 -20.63 -20.86 -23.42
N THR G 226 -21.83 -20.31 -23.51
CA THR G 226 -22.70 -20.52 -24.66
C THR G 226 -22.77 -19.21 -25.44
N LEU G 227 -21.84 -19.03 -26.38
CA LEU G 227 -21.89 -17.85 -27.24
C LEU G 227 -22.93 -18.07 -28.32
N SER G 228 -23.80 -17.09 -28.52
CA SER G 228 -24.88 -17.20 -29.49
C SER G 228 -24.88 -15.94 -30.33
N MET G 229 -24.92 -16.10 -31.65
CA MET G 229 -24.80 -14.98 -32.57
C MET G 229 -25.40 -15.32 -33.92
N SER G 230 -25.71 -14.27 -34.69
CA SER G 230 -26.16 -14.36 -36.07
C SER G 230 -25.73 -13.08 -36.78
N ALA G 231 -26.28 -12.86 -37.96
CA ALA G 231 -25.88 -11.71 -38.78
C ALA G 231 -26.50 -10.42 -38.25
N ASP G 232 -25.63 -9.51 -37.79
CA ASP G 232 -25.96 -8.14 -37.36
C ASP G 232 -26.95 -8.17 -36.19
N VAL G 233 -26.65 -8.99 -35.19
CA VAL G 233 -27.35 -9.00 -33.91
C VAL G 233 -26.30 -9.02 -32.82
N PRO G 234 -26.66 -8.58 -31.60
CA PRO G 234 -25.71 -8.70 -30.48
C PRO G 234 -25.37 -10.14 -30.13
N LEU G 235 -24.10 -10.36 -29.79
CA LEU G 235 -23.65 -11.64 -29.26
C LEU G 235 -24.22 -11.87 -27.86
N VAL G 236 -24.68 -13.08 -27.62
CA VAL G 236 -25.27 -13.48 -26.34
C VAL G 236 -24.31 -14.48 -25.71
N VAL G 237 -23.60 -14.03 -24.67
CA VAL G 237 -22.69 -14.87 -23.91
C VAL G 237 -23.51 -15.41 -22.74
N GLU G 238 -23.80 -16.70 -22.75
CA GLU G 238 -24.76 -17.27 -21.80
C GLU G 238 -24.04 -18.19 -20.82
N TYR G 239 -24.29 -17.97 -19.53
CA TYR G 239 -23.74 -18.79 -18.46
C TYR G 239 -24.91 -19.45 -17.73
N LYS G 240 -25.01 -20.77 -17.88
CA LYS G 240 -26.08 -21.53 -17.22
C LYS G 240 -25.60 -21.87 -15.81
N ILE G 241 -26.06 -21.09 -14.84
CA ILE G 241 -25.49 -21.13 -13.50
C ILE G 241 -26.07 -22.31 -12.71
N ALA G 242 -25.40 -23.46 -12.79
CA ALA G 242 -25.64 -24.66 -11.97
C ALA G 242 -27.08 -25.18 -12.07
N ASP G 243 -27.63 -25.09 -13.29
CA ASP G 243 -29.02 -25.48 -13.63
C ASP G 243 -30.05 -24.76 -12.77
N MET G 244 -29.78 -23.49 -12.46
CA MET G 244 -30.65 -22.65 -11.65
C MET G 244 -31.09 -21.40 -12.38
N GLY G 245 -30.17 -20.67 -13.00
CA GLY G 245 -30.53 -19.50 -13.77
C GLY G 245 -29.56 -19.29 -14.91
N HIS G 246 -29.61 -18.13 -15.54
CA HIS G 246 -28.68 -17.83 -16.62
C HIS G 246 -28.25 -16.38 -16.57
N LEU G 247 -26.97 -16.16 -16.85
CA LEU G 247 -26.41 -14.82 -17.01
C LEU G 247 -26.14 -14.61 -18.48
N LYS G 248 -26.89 -13.71 -19.10
CA LYS G 248 -26.76 -13.39 -20.52
C LYS G 248 -26.02 -12.08 -20.66
N TYR G 249 -25.05 -12.05 -21.56
CA TYR G 249 -24.22 -10.87 -21.76
C TYR G 249 -24.37 -10.48 -23.23
N TYR G 250 -25.00 -9.34 -23.50
CA TYR G 250 -25.28 -8.92 -24.87
C TYR G 250 -24.26 -7.89 -25.30
N LEU G 251 -23.59 -8.15 -26.42
CA LEU G 251 -22.61 -7.23 -26.98
C LEU G 251 -22.99 -6.85 -28.40
N ALA G 252 -23.15 -5.56 -28.65
CA ALA G 252 -23.41 -5.10 -30.00
C ALA G 252 -22.15 -5.20 -30.83
N PRO G 253 -22.18 -5.87 -31.98
CA PRO G 253 -20.98 -5.97 -32.82
C PRO G 253 -20.65 -4.65 -33.50
N LYS G 254 -19.36 -4.44 -33.71
CA LYS G 254 -18.89 -3.24 -34.41
C LYS G 254 -18.96 -3.45 -35.92
N ILE H 3 12.06 32.15 14.52
CA ILE H 3 13.40 31.96 15.05
C ILE H 3 14.29 31.38 13.97
N GLN H 4 15.39 32.06 13.69
CA GLN H 4 16.24 31.76 12.53
C GLN H 4 17.09 30.54 12.81
N GLY H 5 16.70 29.40 12.25
CA GLY H 5 17.52 28.21 12.30
C GLY H 5 17.35 27.34 13.52
N LEU H 6 16.23 27.45 14.24
CA LEU H 6 16.03 26.60 15.40
C LEU H 6 15.66 25.17 14.99
N ALA H 7 14.91 25.02 13.89
CA ALA H 7 14.50 23.70 13.43
C ALA H 7 15.68 22.89 12.93
N LYS H 8 16.59 23.53 12.19
CA LYS H 8 17.81 22.86 11.77
C LYS H 8 18.72 22.54 12.95
N LEU H 9 18.70 23.39 13.98
CA LEU H 9 19.48 23.14 15.18
C LEU H 9 18.96 21.92 15.95
N ILE H 10 17.63 21.82 16.10
CA ILE H 10 17.04 20.68 16.79
C ILE H 10 17.21 19.40 15.96
N ALA H 11 17.14 19.51 14.64
CA ALA H 11 17.37 18.34 13.78
C ALA H 11 18.82 17.88 13.82
N ASP H 12 19.78 18.81 13.94
CA ASP H 12 21.18 18.43 14.05
C ASP H 12 21.53 17.89 15.43
N VAL H 13 21.04 18.51 16.49
CA VAL H 13 21.51 18.24 17.84
C VAL H 13 20.70 17.13 18.50
N ALA H 14 19.39 17.31 18.60
CA ALA H 14 18.52 16.43 19.36
C ALA H 14 17.39 15.92 18.47
N PRO H 15 17.66 14.91 17.63
CA PRO H 15 16.65 14.46 16.67
C PRO H 15 15.56 13.59 17.29
N SER H 16 15.70 13.17 18.54
CA SER H 16 14.68 12.37 19.20
C SER H 16 13.49 13.19 19.67
N ALA H 17 13.60 14.51 19.69
CA ALA H 17 12.50 15.39 20.04
C ALA H 17 11.58 15.69 18.86
N ILE H 18 11.92 15.23 17.66
CA ILE H 18 11.11 15.43 16.48
C ILE H 18 10.55 14.07 16.08
N ARG H 19 9.22 13.97 15.99
CA ARG H 19 8.55 12.76 15.56
C ARG H 19 8.01 12.99 14.15
N GLU H 20 8.28 12.04 13.26
CA GLU H 20 7.83 12.14 11.87
C GLU H 20 6.52 11.36 11.74
N ASN H 21 5.46 11.99 12.22
CA ASN H 21 4.14 11.36 12.29
C ASN H 21 3.35 11.60 11.01
N ASP H 22 2.33 10.78 10.82
CA ASP H 22 1.45 10.86 9.67
C ASP H 22 0.25 11.76 9.97
N ILE H 23 -0.44 12.16 8.91
CA ILE H 23 -1.62 13.01 9.06
C ILE H 23 -2.79 12.22 9.64
N LYS H 24 -2.93 10.95 9.28
CA LYS H 24 -4.10 10.16 9.63
C LYS H 24 -3.98 9.44 10.96
N SER H 25 -2.83 9.53 11.63
CA SER H 25 -2.61 8.72 12.82
C SER H 25 -3.27 9.29 14.06
N TYR H 26 -3.67 10.56 14.04
CA TYR H 26 -4.10 11.22 15.28
C TYR H 26 -5.56 10.90 15.61
N PHE H 27 -6.47 11.35 14.73
CA PHE H 27 -7.91 11.06 14.76
C PHE H 27 -8.57 11.50 16.07
N GLY H 28 -8.63 12.83 16.24
CA GLY H 28 -9.32 13.37 17.39
C GLY H 28 -8.45 14.19 18.32
N ARG H 29 -7.48 14.90 17.76
CA ARG H 29 -6.54 15.69 18.52
C ARG H 29 -6.83 17.17 18.31
N LYS H 30 -6.98 17.91 19.40
CA LYS H 30 -7.27 19.34 19.30
C LYS H 30 -5.98 20.12 19.08
N VAL H 31 -5.90 20.83 17.96
CA VAL H 31 -4.67 21.48 17.51
C VAL H 31 -5.00 22.93 17.18
N ALA H 32 -4.32 23.86 17.83
CA ALA H 32 -4.47 25.27 17.47
C ALA H 32 -3.66 25.59 16.22
N ILE H 33 -4.19 26.48 15.39
CA ILE H 33 -3.56 26.84 14.12
C ILE H 33 -3.35 28.35 14.10
N ASP H 34 -2.13 28.78 13.79
CA ASP H 34 -1.90 30.15 13.36
C ASP H 34 -2.61 30.38 12.04
N ALA H 35 -3.57 31.30 12.02
CA ALA H 35 -4.34 31.54 10.82
C ALA H 35 -3.53 32.23 9.73
N SER H 36 -2.78 33.29 10.08
CA SER H 36 -2.20 34.19 9.09
C SER H 36 -1.10 33.53 8.27
N MET H 37 -0.36 32.59 8.84
CA MET H 37 0.62 31.83 8.06
C MET H 37 -0.06 30.94 7.04
N SER H 38 -1.20 30.33 7.42
CA SER H 38 -1.98 29.54 6.47
C SER H 38 -2.60 30.44 5.39
N ILE H 39 -2.96 31.68 5.75
CA ILE H 39 -3.50 32.62 4.75
C ILE H 39 -2.42 33.00 3.75
N TYR H 40 -1.20 33.19 4.23
CA TYR H 40 -0.08 33.49 3.33
C TYR H 40 0.29 32.29 2.45
N GLN H 41 0.20 31.08 3.00
CA GLN H 41 0.42 29.87 2.21
C GLN H 41 -0.63 29.71 1.12
N PHE H 42 -1.89 30.02 1.45
CA PHE H 42 -2.99 29.89 0.51
C PHE H 42 -3.20 31.13 -0.36
N LEU H 43 -2.43 32.19 -0.15
CA LEU H 43 -2.35 33.29 -1.10
C LEU H 43 -1.02 33.33 -1.84
N ILE H 44 -0.12 32.40 -1.60
CA ILE H 44 1.08 32.25 -2.41
C ILE H 44 1.00 31.02 -3.31
N ALA H 45 0.65 29.87 -2.75
CA ALA H 45 0.74 28.64 -3.53
C ALA H 45 -0.42 28.44 -4.50
N VAL H 46 -1.54 29.17 -4.33
CA VAL H 46 -2.73 28.89 -5.11
C VAL H 46 -2.76 29.75 -6.38
N ARG H 47 -1.67 30.47 -6.68
CA ARG H 47 -1.53 31.09 -7.99
C ARG H 47 -1.35 30.02 -9.08
N GLN H 48 -2.09 30.18 -10.17
CA GLN H 48 -1.82 29.45 -11.40
C GLN H 48 -0.63 30.06 -12.15
N GLY H 49 -0.29 31.31 -11.84
CA GLY H 49 0.64 32.08 -12.63
C GLY H 49 0.39 33.56 -12.43
N GLY H 50 0.13 34.29 -13.51
CA GLY H 50 -0.14 35.72 -13.40
C GLY H 50 -1.47 36.07 -12.78
N ASP H 51 -2.38 35.10 -12.65
CA ASP H 51 -3.67 35.34 -12.02
C ASP H 51 -3.58 35.14 -10.51
N VAL H 52 -4.54 35.73 -9.80
CA VAL H 52 -4.56 35.70 -8.34
C VAL H 52 -5.40 34.53 -7.83
N LEU H 53 -6.13 33.86 -8.74
CA LEU H 53 -7.26 32.97 -8.46
C LEU H 53 -8.29 33.71 -7.59
N GLN H 54 -8.86 34.73 -8.22
CA GLN H 54 -9.96 35.53 -7.70
C GLN H 54 -11.18 35.31 -8.58
N ASN H 55 -12.33 35.83 -8.15
CA ASN H 55 -13.55 35.63 -8.90
C ASN H 55 -13.63 36.61 -10.08
N GLU H 56 -14.80 36.63 -10.73
CA GLU H 56 -14.99 37.51 -11.88
C GLU H 56 -15.12 38.98 -11.48
N GLU H 57 -15.49 39.26 -10.23
CA GLU H 57 -15.58 40.64 -9.76
C GLU H 57 -14.26 41.17 -9.21
N GLY H 58 -13.25 40.32 -9.05
CA GLY H 58 -11.94 40.74 -8.61
C GLY H 58 -11.63 40.52 -7.15
N GLU H 59 -12.59 40.02 -6.37
CA GLU H 59 -12.37 39.77 -4.95
C GLU H 59 -11.52 38.52 -4.77
N THR H 60 -10.43 38.63 -4.01
CA THR H 60 -9.49 37.53 -3.86
C THR H 60 -10.07 36.45 -2.96
N THR H 61 -10.12 35.21 -3.47
CA THR H 61 -10.81 34.14 -2.77
C THR H 61 -10.05 32.81 -2.84
N SER H 62 -8.75 32.83 -3.17
CA SER H 62 -7.97 31.61 -3.18
C SER H 62 -7.71 31.08 -1.78
N HIS H 63 -7.53 32.00 -0.82
CA HIS H 63 -7.29 31.61 0.56
C HIS H 63 -8.49 30.94 1.20
N LEU H 64 -9.70 31.39 0.83
CA LEU H 64 -10.93 30.83 1.37
C LEU H 64 -11.11 29.38 0.95
N MET H 65 -10.95 29.10 -0.35
CA MET H 65 -11.07 27.74 -0.84
C MET H 65 -9.92 26.86 -0.36
N GLY H 66 -8.72 27.44 -0.21
CA GLY H 66 -7.59 26.67 0.27
C GLY H 66 -7.75 26.20 1.70
N MET H 67 -8.13 27.11 2.60
CA MET H 67 -8.33 26.66 3.98
C MET H 67 -9.65 25.93 4.16
N PHE H 68 -10.60 26.12 3.23
CA PHE H 68 -11.80 25.29 3.17
C PHE H 68 -11.44 23.83 2.97
N TYR H 69 -10.64 23.55 1.93
CA TYR H 69 -10.26 22.16 1.62
C TYR H 69 -9.30 21.61 2.68
N ARG H 70 -8.42 22.46 3.23
CA ARG H 70 -7.51 22.02 4.27
C ARG H 70 -8.23 21.68 5.56
N THR H 71 -9.20 22.50 5.97
CA THR H 71 -9.97 22.22 7.18
C THR H 71 -10.86 21.00 7.01
N ILE H 72 -11.40 20.80 5.79
CA ILE H 72 -12.18 19.60 5.48
C ILE H 72 -11.32 18.34 5.60
N ARG H 73 -10.10 18.39 5.08
CA ARG H 73 -9.22 17.24 5.23
C ARG H 73 -8.68 17.07 6.64
N MET H 74 -8.70 18.12 7.46
CA MET H 74 -8.34 17.93 8.87
C MET H 74 -9.47 17.29 9.67
N MET H 75 -10.74 17.60 9.38
CA MET H 75 -11.79 16.79 10.01
C MET H 75 -11.83 15.37 9.45
N GLU H 76 -11.47 15.19 8.16
CA GLU H 76 -11.43 13.85 7.58
C GLU H 76 -10.34 12.99 8.22
N ASN H 77 -9.22 13.60 8.59
CA ASN H 77 -8.18 12.90 9.32
C ASN H 77 -8.39 12.99 10.83
N GLY H 78 -9.44 13.68 11.28
CA GLY H 78 -9.84 13.68 12.67
C GLY H 78 -9.35 14.87 13.48
N ILE H 79 -8.41 15.66 12.95
CA ILE H 79 -7.82 16.74 13.73
C ILE H 79 -8.78 17.91 13.80
N LYS H 80 -9.16 18.30 15.02
CA LYS H 80 -10.08 19.40 15.21
C LYS H 80 -9.29 20.69 15.35
N PRO H 81 -9.39 21.63 14.42
CA PRO H 81 -8.54 22.82 14.43
C PRO H 81 -9.12 23.98 15.22
N VAL H 82 -8.23 24.83 15.70
CA VAL H 82 -8.57 26.10 16.34
C VAL H 82 -7.76 27.16 15.61
N TYR H 83 -8.40 27.89 14.71
CA TYR H 83 -7.68 28.85 13.89
C TYR H 83 -7.50 30.14 14.70
N VAL H 84 -6.33 30.30 15.29
CA VAL H 84 -6.01 31.50 16.07
C VAL H 84 -5.49 32.57 15.12
N PHE H 85 -6.15 33.73 15.13
CA PHE H 85 -5.84 34.81 14.21
C PHE H 85 -4.92 35.83 14.86
N ASP H 86 -4.10 36.47 14.03
CA ASP H 86 -3.17 37.47 14.53
C ASP H 86 -3.88 38.81 14.72
N GLY H 87 -3.56 39.49 15.82
CA GLY H 87 -4.14 40.79 16.09
C GLY H 87 -3.10 41.90 16.05
N LYS H 88 -3.07 42.72 17.09
CA LYS H 88 -2.08 43.78 17.18
C LYS H 88 -0.72 43.19 17.54
N PRO H 89 0.32 43.40 16.73
CA PRO H 89 1.62 42.82 17.05
C PRO H 89 2.30 43.61 18.16
N PRO H 90 3.28 43.01 18.85
CA PRO H 90 4.05 43.77 19.84
C PRO H 90 4.94 44.81 19.18
N GLN H 91 5.35 45.79 19.99
CA GLN H 91 6.07 46.96 19.48
C GLN H 91 7.48 46.63 19.03
N LEU H 92 8.11 45.60 19.60
CA LEU H 92 9.46 45.21 19.19
C LEU H 92 9.46 44.61 17.78
N LYS H 93 8.37 43.95 17.40
CA LYS H 93 8.18 43.55 16.01
C LYS H 93 7.77 44.70 15.11
N SER H 94 7.30 45.81 15.68
CA SER H 94 6.64 46.87 14.92
C SER H 94 7.62 47.61 13.99
N GLY H 95 8.88 47.70 14.39
CA GLY H 95 9.90 48.13 13.44
C GLY H 95 10.19 47.07 12.39
N GLU H 96 10.35 45.82 12.86
CA GLU H 96 10.87 44.74 12.00
C GLU H 96 9.87 44.36 10.92
N LEU H 97 8.59 44.26 11.27
CA LEU H 97 7.53 44.09 10.28
C LEU H 97 7.51 45.25 9.29
N ALA H 98 7.75 46.47 9.80
CA ALA H 98 7.94 47.63 8.94
C ALA H 98 9.14 47.44 8.03
N LYS H 99 10.24 46.88 8.57
CA LYS H 99 11.38 46.49 7.76
C LYS H 99 10.99 45.43 6.75
N ARG H 100 10.14 44.48 7.17
CA ARG H 100 9.62 43.48 6.26
C ARG H 100 8.77 44.13 5.17
N SER H 101 8.00 45.17 5.53
CA SER H 101 7.20 45.88 4.56
C SER H 101 8.07 46.65 3.57
N GLU H 102 9.23 47.19 4.03
CA GLU H 102 10.04 47.89 3.05
C GLU H 102 10.80 46.92 2.17
N ARG H 103 10.98 45.67 2.65
CA ARG H 103 11.42 44.60 1.76
C ARG H 103 10.43 44.37 0.64
N ARG H 104 9.13 44.38 0.98
CA ARG H 104 8.08 44.35 -0.03
C ARG H 104 8.12 45.58 -0.92
N ALA H 105 8.49 46.74 -0.35
CA ALA H 105 8.65 47.94 -1.15
C ALA H 105 9.80 47.78 -2.13
N GLU H 106 10.87 47.10 -1.70
CA GLU H 106 11.96 46.75 -2.61
C GLU H 106 11.46 45.81 -3.69
N ALA H 107 10.58 44.87 -3.32
CA ALA H 107 9.92 44.01 -4.30
C ALA H 107 9.04 44.85 -5.22
N GLU H 108 8.37 45.86 -4.66
CA GLU H 108 7.66 46.89 -5.44
C GLU H 108 8.58 47.57 -6.43
N LYS H 109 9.79 47.93 -5.99
CA LYS H 109 10.82 48.47 -6.86
C LYS H 109 11.20 47.47 -7.94
N GLN H 110 11.35 46.20 -7.57
CA GLN H 110 11.74 45.22 -8.57
C GLN H 110 10.56 44.85 -9.47
N LEU H 111 9.33 45.25 -9.09
CA LEU H 111 8.20 45.12 -9.99
C LEU H 111 8.34 45.97 -11.25
N GLN H 112 9.10 47.07 -11.21
CA GLN H 112 9.27 47.79 -12.47
C GLN H 112 10.41 47.23 -13.31
N GLN H 113 11.07 46.16 -12.86
CA GLN H 113 11.81 45.29 -13.76
C GLN H 113 11.04 44.00 -14.06
N ALA H 114 9.81 43.88 -13.61
CA ALA H 114 9.02 42.67 -13.84
C ALA H 114 8.02 42.83 -14.98
N GLN H 115 7.11 43.79 -14.87
CA GLN H 115 6.10 43.99 -15.89
C GLN H 115 6.54 44.92 -17.02
N ALA H 116 7.59 45.72 -16.79
CA ALA H 116 8.09 46.58 -17.86
C ALA H 116 8.85 45.79 -18.91
N ALA H 117 9.67 44.82 -18.48
CA ALA H 117 10.39 43.98 -19.43
C ALA H 117 9.47 42.96 -20.08
N GLY H 118 8.55 42.40 -19.31
CA GLY H 118 7.61 41.43 -19.83
C GLY H 118 7.92 39.98 -19.52
N ALA H 119 8.96 39.70 -18.74
CA ALA H 119 9.29 38.33 -18.35
C ALA H 119 8.30 37.85 -17.30
N GLU H 120 7.43 36.91 -17.68
CA GLU H 120 6.31 36.52 -16.84
C GLU H 120 6.72 35.72 -15.62
N GLN H 121 7.89 35.07 -15.66
CA GLN H 121 8.35 34.29 -14.51
C GLN H 121 8.69 35.17 -13.32
N GLU H 122 9.31 36.31 -13.56
CA GLU H 122 9.57 37.26 -12.47
C GLU H 122 8.28 37.95 -12.02
N VAL H 123 7.31 38.09 -12.92
CA VAL H 123 6.00 38.62 -12.56
C VAL H 123 5.28 37.68 -11.59
N GLU H 124 5.35 36.37 -11.86
CA GLU H 124 4.81 35.39 -10.91
C GLU H 124 5.62 35.35 -9.61
N LYS H 125 6.95 35.42 -9.72
CA LYS H 125 7.81 35.33 -8.55
C LYS H 125 7.71 36.54 -7.63
N PHE H 126 7.26 37.69 -8.13
CA PHE H 126 7.01 38.82 -7.26
C PHE H 126 5.54 39.08 -7.00
N THR H 127 4.64 38.45 -7.76
CA THR H 127 3.25 38.36 -7.32
C THR H 127 3.16 37.49 -6.07
N LYS H 128 4.00 36.45 -6.00
CA LYS H 128 4.11 35.65 -4.77
C LYS H 128 4.80 36.37 -3.63
N ARG H 129 5.43 37.53 -3.87
CA ARG H 129 6.12 38.26 -2.81
C ARG H 129 5.50 39.60 -2.47
N LEU H 130 4.55 40.10 -3.25
CA LEU H 130 3.75 41.26 -2.88
C LEU H 130 2.49 40.87 -2.09
N VAL H 131 2.49 39.72 -1.45
CA VAL H 131 1.34 39.24 -0.69
C VAL H 131 1.30 40.01 0.63
N LYS H 132 0.08 40.26 1.12
CA LYS H 132 -0.13 40.95 2.38
C LYS H 132 -1.51 40.56 2.91
N VAL H 133 -1.56 40.13 4.17
CA VAL H 133 -2.86 39.85 4.77
C VAL H 133 -3.56 41.17 5.09
N THR H 134 -4.88 41.12 5.05
CA THR H 134 -5.72 42.30 5.13
C THR H 134 -6.83 41.96 6.11
N LYS H 135 -7.41 42.98 6.76
CA LYS H 135 -8.61 42.80 7.57
C LYS H 135 -9.78 42.26 6.76
N GLN H 136 -9.83 42.56 5.46
CA GLN H 136 -10.79 41.90 4.57
C GLN H 136 -10.55 40.40 4.47
N HIS H 137 -9.28 39.98 4.33
CA HIS H 137 -8.94 38.56 4.26
C HIS H 137 -9.25 37.85 5.57
N ASN H 138 -8.87 38.47 6.69
CA ASN H 138 -9.10 37.88 8.01
C ASN H 138 -10.59 37.83 8.35
N ASP H 139 -11.34 38.87 7.97
CA ASP H 139 -12.78 38.87 8.24
C ASP H 139 -13.53 37.89 7.35
N GLU H 140 -13.08 37.72 6.09
CA GLU H 140 -13.66 36.70 5.21
C GLU H 140 -13.38 35.31 5.74
N CYS H 141 -12.17 35.06 6.25
CA CYS H 141 -11.84 33.75 6.76
C CYS H 141 -12.52 33.47 8.10
N LYS H 142 -12.69 34.48 8.94
CA LYS H 142 -13.45 34.33 10.18
C LYS H 142 -14.92 34.09 9.90
N HIS H 143 -15.47 34.73 8.85
CA HIS H 143 -16.84 34.47 8.43
C HIS H 143 -16.99 33.04 7.91
N LEU H 144 -16.00 32.56 7.15
CA LEU H 144 -16.02 31.18 6.65
C LEU H 144 -15.99 30.18 7.80
N LEU H 145 -15.07 30.36 8.75
CA LEU H 145 -14.99 29.47 9.91
C LEU H 145 -16.17 29.64 10.87
N SER H 146 -16.88 30.78 10.80
CA SER H 146 -18.18 30.86 11.45
C SER H 146 -19.18 29.93 10.80
N LEU H 147 -19.17 29.85 9.46
CA LEU H 147 -20.10 28.91 8.83
C LEU H 147 -19.62 27.45 8.88
N MET H 148 -18.32 27.19 9.03
CA MET H 148 -17.91 25.82 9.32
C MET H 148 -18.23 25.41 10.75
N GLY H 149 -18.22 26.35 11.68
CA GLY H 149 -18.31 26.04 13.09
C GLY H 149 -16.97 25.80 13.76
N ILE H 150 -15.88 25.89 13.00
CA ILE H 150 -14.53 25.81 13.57
C ILE H 150 -14.27 27.05 14.43
N PRO H 151 -13.79 26.89 15.67
CA PRO H 151 -13.60 28.06 16.54
C PRO H 151 -12.42 28.91 16.09
N TYR H 152 -12.65 30.22 16.04
CA TYR H 152 -11.63 31.20 15.68
C TYR H 152 -11.39 32.11 16.87
N LEU H 153 -10.13 32.46 17.11
CA LEU H 153 -9.74 33.32 18.23
C LEU H 153 -8.91 34.48 17.70
N ASP H 154 -9.41 35.70 17.91
CA ASP H 154 -8.66 36.90 17.60
C ASP H 154 -7.73 37.20 18.77
N ALA H 155 -6.43 37.04 18.56
CA ALA H 155 -5.47 37.28 19.62
C ALA H 155 -5.31 38.77 19.87
N PRO H 156 -5.13 39.19 21.13
CA PRO H 156 -4.79 40.59 21.41
C PRO H 156 -3.31 40.89 21.27
N SER H 157 -2.50 39.89 20.95
CA SER H 157 -1.06 40.03 20.76
C SER H 157 -0.69 39.16 19.56
N GLU H 158 0.59 38.84 19.44
CA GLU H 158 1.05 37.91 18.42
C GLU H 158 0.47 36.52 18.67
N ALA H 159 -0.12 35.94 17.62
CA ALA H 159 -0.95 34.75 17.78
C ALA H 159 -0.14 33.47 17.95
N GLU H 160 1.17 33.51 17.71
CA GLU H 160 2.03 32.40 18.09
C GLU H 160 2.05 32.24 19.61
N ALA H 161 2.12 33.36 20.34
CA ALA H 161 2.07 33.33 21.79
C ALA H 161 0.70 32.89 22.29
N SER H 162 -0.37 33.24 21.57
CA SER H 162 -1.70 32.80 21.97
C SER H 162 -1.90 31.31 21.69
N CYS H 163 -1.31 30.80 20.61
CA CYS H 163 -1.30 29.35 20.37
C CYS H 163 -0.54 28.61 21.47
N ALA H 164 0.60 29.17 21.90
CA ALA H 164 1.35 28.57 23.00
C ALA H 164 0.61 28.69 24.32
N ALA H 165 -0.20 29.74 24.50
CA ALA H 165 -1.03 29.86 25.69
C ALA H 165 -2.17 28.84 25.70
N LEU H 166 -2.77 28.57 24.53
CA LEU H 166 -3.81 27.54 24.46
C LEU H 166 -3.25 26.13 24.64
N VAL H 167 -2.01 25.88 24.20
CA VAL H 167 -1.41 24.58 24.50
C VAL H 167 -1.02 24.50 25.97
N LYS H 168 -0.48 25.59 26.53
CA LYS H 168 -0.04 25.62 27.93
C LYS H 168 -1.19 25.54 28.91
N ALA H 169 -2.40 25.91 28.51
CA ALA H 169 -3.58 25.75 29.36
C ALA H 169 -4.13 24.34 29.33
N GLY H 170 -3.62 23.47 28.46
CA GLY H 170 -4.11 22.12 28.34
C GLY H 170 -5.36 21.98 27.49
N LYS H 171 -5.81 23.03 26.84
CA LYS H 171 -7.01 22.98 26.01
C LYS H 171 -6.75 22.21 24.73
N VAL H 172 -5.86 22.73 23.91
CA VAL H 172 -5.46 22.04 22.68
C VAL H 172 -4.15 21.31 22.94
N TYR H 173 -3.93 20.23 22.19
CA TYR H 173 -2.73 19.43 22.41
C TYR H 173 -1.49 20.10 21.81
N ALA H 174 -1.66 20.80 20.69
CA ALA H 174 -0.51 21.25 19.93
C ALA H 174 -0.85 22.51 19.17
N ALA H 175 0.19 23.20 18.70
CA ALA H 175 0.06 24.39 17.88
C ALA H 175 0.54 24.07 16.47
N ALA H 176 -0.25 24.44 15.47
CA ALA H 176 0.09 24.12 14.08
C ALA H 176 0.88 25.22 13.39
N THR H 177 1.58 26.05 14.15
CA THR H 177 2.37 27.09 13.51
C THR H 177 3.68 26.48 13.05
N GLU H 178 4.06 26.76 11.80
CA GLU H 178 5.27 26.15 11.26
C GLU H 178 6.53 26.81 11.81
N ASP H 179 6.42 28.04 12.32
CA ASP H 179 7.63 28.71 12.80
C ASP H 179 8.03 28.16 14.17
N MET H 180 9.27 28.45 14.56
CA MET H 180 9.77 28.03 15.85
C MET H 180 9.59 29.09 16.92
N ASP H 181 8.68 30.06 16.70
CA ASP H 181 8.37 31.02 17.74
C ASP H 181 7.58 30.39 18.88
N CYS H 182 6.73 29.41 18.58
CA CYS H 182 5.84 28.84 19.60
C CYS H 182 6.60 27.97 20.59
N LEU H 183 7.70 27.34 20.17
CA LEU H 183 8.52 26.59 21.11
C LEU H 183 9.23 27.51 22.08
N THR H 184 9.59 28.71 21.63
CA THR H 184 10.18 29.70 22.53
C THR H 184 9.10 30.32 23.42
N PHE H 185 7.89 30.49 22.88
CA PHE H 185 6.81 31.11 23.64
C PHE H 185 6.31 30.20 24.76
N GLY H 186 6.46 28.89 24.61
CA GLY H 186 6.23 28.00 25.73
C GLY H 186 5.38 26.79 25.45
N SER H 187 5.00 26.57 24.20
CA SER H 187 4.14 25.44 23.85
C SER H 187 4.92 24.13 23.94
N PRO H 188 4.43 23.13 24.68
CA PRO H 188 5.11 21.83 24.73
C PRO H 188 5.15 21.09 23.40
N VAL H 189 4.02 20.99 22.71
CA VAL H 189 3.95 20.22 21.47
C VAL H 189 3.67 21.17 20.32
N LEU H 190 4.45 21.07 19.25
CA LEU H 190 4.33 21.93 18.08
C LEU H 190 4.17 21.07 16.83
N MET H 191 3.22 21.43 15.99
CA MET H 191 3.07 20.83 14.67
C MET H 191 3.88 21.60 13.65
N ARG H 192 4.35 20.91 12.62
CA ARG H 192 4.93 21.53 11.45
C ARG H 192 4.51 20.75 10.22
N HIS H 193 4.35 21.49 9.11
CA HIS H 193 3.89 20.99 7.80
C HIS H 193 2.56 20.24 7.91
N LEU H 194 1.63 20.80 8.69
CA LEU H 194 0.29 20.22 8.84
C LEU H 194 -0.53 20.56 7.60
N THR H 195 -0.32 19.78 6.55
CA THR H 195 -0.96 19.98 5.27
C THR H 195 -2.11 18.99 5.09
N ALA H 196 -2.65 18.93 3.87
CA ALA H 196 -3.76 18.03 3.55
C ALA H 196 -3.37 16.93 2.58
N SER H 197 -2.86 17.29 1.40
CA SER H 197 -2.61 16.31 0.35
C SER H 197 -1.22 15.69 0.43
N GLU H 198 -0.21 16.47 0.84
CA GLU H 198 1.16 15.98 0.93
C GLU H 198 1.28 15.09 2.16
N ALA H 199 0.89 13.83 2.00
CA ALA H 199 0.92 12.88 3.11
C ALA H 199 2.35 12.45 3.42
N LYS H 200 3.13 12.15 2.39
CA LYS H 200 4.50 11.66 2.58
C LYS H 200 5.57 12.58 2.01
N LYS H 201 5.20 13.54 1.16
CA LYS H 201 6.19 14.52 0.68
C LYS H 201 6.57 15.48 1.79
N LEU H 202 5.61 15.90 2.61
CA LEU H 202 5.84 16.71 3.79
C LEU H 202 5.18 16.03 4.98
N PRO H 203 5.87 15.11 5.64
CA PRO H 203 5.29 14.46 6.83
C PRO H 203 5.27 15.41 8.01
N ILE H 204 4.46 15.05 9.00
CA ILE H 204 4.22 15.95 10.13
C ILE H 204 5.39 15.87 11.09
N GLN H 205 6.01 17.03 11.36
CA GLN H 205 7.17 17.10 12.24
C GLN H 205 6.70 17.60 13.60
N GLU H 206 6.42 16.67 14.51
CA GLU H 206 5.97 17.02 15.85
C GLU H 206 7.17 17.31 16.73
N PHE H 207 7.23 18.53 17.24
CA PHE H 207 8.32 18.98 18.10
C PHE H 207 7.85 18.99 19.55
N HIS H 208 8.53 18.26 20.41
CA HIS H 208 8.21 18.22 21.84
C HIS H 208 9.19 19.10 22.58
N LEU H 209 8.67 20.16 23.22
CA LEU H 209 9.54 21.08 23.95
C LEU H 209 10.09 20.45 25.21
N SER H 210 9.32 19.52 25.81
CA SER H 210 9.80 18.79 26.99
C SER H 210 10.99 17.90 26.64
N ARG H 211 10.95 17.25 25.48
CA ARG H 211 12.08 16.46 25.03
C ARG H 211 13.26 17.32 24.61
N ILE H 212 12.99 18.52 24.09
CA ILE H 212 14.05 19.47 23.76
C ILE H 212 14.78 19.92 25.03
N LEU H 213 14.02 20.32 26.05
CA LEU H 213 14.62 20.79 27.30
C LEU H 213 15.23 19.65 28.09
N GLN H 214 14.77 18.41 27.89
CA GLN H 214 15.41 17.26 28.51
C GLN H 214 16.74 16.94 27.84
N GLU H 215 16.75 16.90 26.50
CA GLU H 215 17.95 16.48 25.79
C GLU H 215 18.95 17.60 25.56
N LEU H 216 18.66 18.82 25.98
CA LEU H 216 19.62 19.91 25.92
C LEU H 216 20.02 20.42 27.30
N GLY H 217 19.42 19.90 28.36
CA GLY H 217 19.73 20.32 29.72
C GLY H 217 19.32 21.75 30.02
N LEU H 218 18.18 22.16 29.50
CA LEU H 218 17.74 23.54 29.55
C LEU H 218 16.37 23.65 30.24
N ASN H 219 16.02 24.88 30.61
CA ASN H 219 14.67 25.21 31.03
C ASN H 219 14.15 26.28 30.08
N GLN H 220 12.99 26.85 30.43
CA GLN H 220 12.34 27.84 29.55
C GLN H 220 13.12 29.14 29.47
N GLU H 221 13.79 29.53 30.56
CA GLU H 221 14.53 30.78 30.62
C GLU H 221 15.70 30.79 29.65
N GLN H 222 16.54 29.76 29.72
CA GLN H 222 17.68 29.71 28.82
C GLN H 222 17.29 29.24 27.42
N PHE H 223 16.10 28.67 27.24
CA PHE H 223 15.63 28.41 25.87
C PHE H 223 15.19 29.69 25.19
N VAL H 224 14.53 30.59 25.95
CA VAL H 224 14.21 31.92 25.43
C VAL H 224 15.50 32.69 25.12
N ASP H 225 16.48 32.62 26.03
CA ASP H 225 17.78 33.24 25.79
C ASP H 225 18.51 32.62 24.61
N LEU H 226 18.36 31.29 24.43
CA LEU H 226 18.93 30.58 23.29
C LEU H 226 18.36 31.08 21.98
N CYS H 227 17.04 31.31 21.93
CA CYS H 227 16.46 31.86 20.72
C CYS H 227 16.75 33.36 20.53
N ILE H 228 17.10 34.08 21.61
CA ILE H 228 17.62 35.44 21.42
C ILE H 228 18.99 35.42 20.75
N LEU H 229 19.91 34.57 21.23
CA LEU H 229 21.26 34.58 20.66
C LEU H 229 21.34 34.02 19.24
N LEU H 230 20.57 32.99 18.90
CA LEU H 230 20.74 32.39 17.58
C LEU H 230 19.87 33.06 16.52
N GLY H 231 19.19 34.15 16.85
CA GLY H 231 18.40 34.88 15.89
C GLY H 231 16.93 34.90 16.24
N SER H 232 16.45 36.04 16.70
CA SER H 232 15.06 36.17 17.14
C SER H 232 14.34 37.16 16.24
N ASP H 233 13.03 36.93 16.10
CA ASP H 233 12.20 37.80 15.28
C ASP H 233 11.98 39.14 15.99
N TYR H 234 11.91 39.10 17.32
CA TYR H 234 11.52 40.29 18.09
C TYR H 234 12.66 41.30 18.19
N CYS H 235 13.79 40.89 18.75
CA CYS H 235 14.94 41.77 18.94
C CYS H 235 16.11 41.30 18.10
N GLU H 236 17.15 42.13 18.04
CA GLU H 236 18.35 41.80 17.29
C GLU H 236 19.20 40.81 18.06
N SER H 237 20.03 40.06 17.34
CA SER H 237 20.90 39.07 17.94
C SER H 237 22.35 39.55 17.85
N ILE H 238 23.22 38.86 18.57
CA ILE H 238 24.65 39.17 18.54
C ILE H 238 25.23 38.65 17.23
N ARG H 239 26.15 39.40 16.64
CA ARG H 239 26.63 39.11 15.28
C ARG H 239 27.51 37.86 15.25
N GLY H 240 28.36 37.68 16.25
CA GLY H 240 29.33 36.60 16.18
C GLY H 240 28.84 35.24 16.61
N ILE H 241 27.58 35.11 17.03
CA ILE H 241 27.07 33.86 17.57
C ILE H 241 25.95 33.35 16.66
N GLY H 242 26.20 32.22 16.01
CA GLY H 242 25.18 31.51 15.28
C GLY H 242 24.58 30.43 16.16
N PRO H 243 23.95 29.41 15.57
CA PRO H 243 23.26 28.41 16.39
C PRO H 243 24.18 27.47 17.14
N LYS H 244 25.30 27.06 16.54
CA LYS H 244 26.25 26.16 17.21
C LYS H 244 26.94 26.85 18.37
N ARG H 245 27.32 28.12 18.20
CA ARG H 245 27.83 28.89 19.31
C ARG H 245 26.74 29.20 20.34
N ALA H 246 25.48 29.27 19.91
CA ALA H 246 24.39 29.49 20.85
C ALA H 246 24.21 28.30 21.79
N VAL H 247 24.20 27.08 21.24
CA VAL H 247 24.09 25.93 22.14
C VAL H 247 25.38 25.72 22.94
N ASP H 248 26.55 25.98 22.33
CA ASP H 248 27.81 25.80 23.05
C ASP H 248 28.05 26.85 24.13
N LEU H 249 27.36 27.99 24.07
CA LEU H 249 27.49 29.01 25.12
C LEU H 249 26.22 29.21 25.95
N ILE H 250 25.16 28.42 25.72
CA ILE H 250 24.06 28.35 26.67
C ILE H 250 24.20 27.08 27.51
N GLN H 251 24.77 26.03 26.94
CA GLN H 251 25.01 24.81 27.71
C GLN H 251 26.14 24.93 28.72
N LYS H 252 26.93 26.01 28.68
CA LYS H 252 27.97 26.24 29.68
C LYS H 252 27.71 27.45 30.57
N HIS H 253 26.86 28.39 30.15
CA HIS H 253 26.40 29.47 31.01
C HIS H 253 24.91 29.67 30.81
N LYS H 254 24.18 29.77 31.91
CA LYS H 254 22.72 29.59 31.87
C LYS H 254 22.00 30.83 31.36
N SER H 255 22.11 31.94 32.07
CA SER H 255 21.30 33.11 31.79
C SER H 255 21.94 33.97 30.70
N ILE H 256 21.33 35.12 30.44
CA ILE H 256 21.84 36.04 29.43
C ILE H 256 22.63 37.18 30.05
N GLU H 257 22.47 37.43 31.35
CA GLU H 257 23.24 38.48 32.02
C GLU H 257 24.70 38.09 32.15
N GLU H 258 24.96 36.81 32.47
CA GLU H 258 26.33 36.32 32.57
C GLU H 258 27.00 36.31 31.21
N ILE H 259 26.26 36.03 30.14
CA ILE H 259 26.90 36.00 28.82
C ILE H 259 27.01 37.41 28.22
N VAL H 260 26.21 38.38 28.69
CA VAL H 260 26.43 39.74 28.18
C VAL H 260 27.52 40.44 28.97
N ARG H 261 27.81 39.99 30.21
CA ARG H 261 28.96 40.55 30.92
C ARG H 261 30.29 40.02 30.38
N ARG H 262 30.52 38.71 30.44
CA ARG H 262 31.88 38.20 30.28
C ARG H 262 32.32 38.03 28.84
N LEU H 263 31.46 38.31 27.86
CA LEU H 263 31.84 38.22 26.45
C LEU H 263 32.38 39.57 26.00
N ASP H 264 33.60 39.57 25.46
CA ASP H 264 34.29 40.81 25.15
C ASP H 264 33.72 41.45 23.88
N PRO H 265 33.67 42.78 23.82
CA PRO H 265 33.24 43.44 22.58
C PRO H 265 34.22 43.33 21.42
N ASN H 266 35.48 42.96 21.68
CA ASN H 266 36.46 42.84 20.61
C ASN H 266 36.18 41.60 19.75
N LYS H 267 35.88 40.47 20.39
CA LYS H 267 35.59 39.25 19.64
C LYS H 267 34.16 39.24 19.15
N TYR H 268 33.20 39.28 20.07
CA TYR H 268 31.77 39.24 19.76
C TYR H 268 31.12 40.50 20.30
N PRO H 269 30.97 41.54 19.47
CA PRO H 269 30.37 42.79 19.97
C PRO H 269 28.86 42.68 20.06
N VAL H 270 28.31 43.19 21.16
CA VAL H 270 26.86 43.26 21.34
C VAL H 270 26.32 44.36 20.44
N PRO H 271 25.06 44.29 20.02
CA PRO H 271 24.46 45.44 19.33
C PRO H 271 24.30 46.64 20.25
N GLU H 272 24.36 47.83 19.65
CA GLU H 272 24.34 49.06 20.43
C GLU H 272 22.97 49.37 21.02
N ASN H 273 21.91 48.76 20.51
CA ASN H 273 20.57 48.90 21.07
C ASN H 273 20.12 47.52 21.56
N TRP H 274 20.50 47.20 22.79
CA TRP H 274 20.17 45.90 23.37
C TRP H 274 18.73 45.93 23.89
N LEU H 275 17.90 45.01 23.38
CA LEU H 275 16.53 44.85 23.84
C LEU H 275 16.27 43.41 24.25
N HIS H 276 17.27 42.74 24.81
CA HIS H 276 17.11 41.32 25.14
C HIS H 276 16.22 41.11 26.36
N LYS H 277 16.20 42.06 27.29
CA LYS H 277 15.33 41.93 28.46
C LYS H 277 13.87 42.15 28.08
N GLU H 278 13.59 43.12 27.22
CA GLU H 278 12.22 43.36 26.77
C GLU H 278 11.73 42.23 25.87
N ALA H 279 12.61 41.68 25.03
CA ALA H 279 12.24 40.51 24.24
C ALA H 279 12.07 39.28 25.10
N HIS H 280 12.85 39.14 26.18
CA HIS H 280 12.65 38.03 27.10
C HIS H 280 11.34 38.15 27.86
N GLN H 281 10.95 39.38 28.19
CA GLN H 281 9.65 39.59 28.83
C GLN H 281 8.50 39.34 27.87
N LEU H 282 8.65 39.72 26.60
CA LEU H 282 7.60 39.47 25.62
C LEU H 282 7.54 38.02 25.16
N PHE H 283 8.62 37.25 25.31
CA PHE H 283 8.55 35.82 25.02
C PHE H 283 8.15 35.00 26.23
N LEU H 284 8.41 35.49 27.44
CA LEU H 284 8.01 34.76 28.64
C LEU H 284 6.59 35.09 29.09
N GLU H 285 6.27 36.38 29.19
CA GLU H 285 4.97 36.85 29.67
C GLU H 285 4.38 37.74 28.59
N PRO H 286 3.76 37.16 27.55
CA PRO H 286 3.16 37.99 26.50
C PRO H 286 1.77 38.46 26.89
N GLU H 287 1.15 39.28 26.05
CA GLU H 287 -0.21 39.77 26.32
C GLU H 287 -1.24 38.87 25.64
N VAL H 288 -1.21 37.59 26.01
CA VAL H 288 -2.09 36.61 25.40
C VAL H 288 -3.51 36.75 25.95
N LEU H 289 -4.45 36.12 25.27
CA LEU H 289 -5.83 36.10 25.70
C LEU H 289 -6.01 35.17 26.89
N ASP H 290 -7.12 35.35 27.59
CA ASP H 290 -7.49 34.43 28.68
C ASP H 290 -7.99 33.13 28.07
N PRO H 291 -7.33 32.00 28.32
CA PRO H 291 -7.72 30.76 27.63
C PRO H 291 -9.00 30.14 28.17
N GLU H 292 -9.25 30.30 29.47
CA GLU H 292 -10.46 29.74 30.07
C GLU H 292 -11.67 30.63 29.88
N SER H 293 -11.50 31.87 29.43
CA SER H 293 -12.63 32.74 29.16
C SER H 293 -13.36 32.33 27.88
N VAL H 294 -12.64 31.71 26.94
CA VAL H 294 -13.20 31.24 25.68
C VAL H 294 -13.35 29.73 25.78
N GLU H 295 -14.44 29.21 25.19
CA GLU H 295 -14.73 27.79 25.19
C GLU H 295 -14.78 27.30 23.74
N LEU H 296 -14.10 26.18 23.48
CA LEU H 296 -13.96 25.67 22.12
C LEU H 296 -15.08 24.69 21.82
N LYS H 297 -16.05 25.12 21.01
CA LYS H 297 -17.13 24.27 20.55
C LYS H 297 -17.08 24.14 19.04
N TRP H 298 -17.12 22.91 18.55
CA TRP H 298 -17.22 22.63 17.12
C TRP H 298 -18.68 22.33 16.81
N SER H 299 -19.26 23.12 15.90
CA SER H 299 -20.65 22.97 15.51
C SER H 299 -20.74 22.39 14.11
N GLU H 300 -21.93 21.92 13.78
CA GLU H 300 -22.19 21.41 12.44
C GLU H 300 -22.18 22.57 11.44
N PRO H 301 -21.66 22.36 10.23
CA PRO H 301 -21.64 23.45 9.25
C PRO H 301 -23.02 23.75 8.70
N ASN H 302 -23.34 25.03 8.61
CA ASN H 302 -24.60 25.45 8.01
C ASN H 302 -24.46 25.28 6.50
N GLU H 303 -25.42 24.57 5.90
CA GLU H 303 -25.27 24.16 4.50
C GLU H 303 -25.50 25.34 3.56
N GLU H 304 -26.72 25.89 3.56
CA GLU H 304 -27.12 26.86 2.55
C GLU H 304 -26.44 28.21 2.75
N GLU H 305 -26.05 28.54 3.99
CA GLU H 305 -25.26 29.74 4.22
C GLU H 305 -23.86 29.61 3.64
N LEU H 306 -23.29 28.40 3.69
CA LEU H 306 -21.96 28.19 3.11
C LEU H 306 -22.03 28.14 1.59
N ILE H 307 -23.16 27.70 1.03
CA ILE H 307 -23.35 27.84 -0.42
C ILE H 307 -23.54 29.32 -0.79
N LYS H 308 -24.24 30.08 0.05
CA LYS H 308 -24.51 31.48 -0.27
C LYS H 308 -23.27 32.37 -0.15
N PHE H 309 -22.41 32.12 0.82
CA PHE H 309 -21.21 32.95 1.01
C PHE H 309 -20.03 32.37 0.22
N MET H 310 -19.84 31.06 0.32
CA MET H 310 -18.65 30.42 -0.23
C MET H 310 -18.72 30.32 -1.74
N CYS H 311 -19.92 30.22 -2.30
CA CYS H 311 -20.11 30.03 -3.73
C CYS H 311 -20.98 31.08 -4.39
N GLY H 312 -21.72 31.89 -3.63
CA GLY H 312 -22.61 32.86 -4.21
C GLY H 312 -21.90 34.07 -4.79
N GLU H 313 -21.23 34.85 -3.94
CA GLU H 313 -20.48 36.01 -4.40
C GLU H 313 -19.05 35.67 -4.79
N LYS H 314 -18.61 34.42 -4.59
CA LYS H 314 -17.31 33.98 -5.05
C LYS H 314 -17.39 33.23 -6.38
N GLN H 315 -18.62 33.03 -6.90
CA GLN H 315 -19.00 32.30 -8.14
C GLN H 315 -18.17 31.04 -8.38
N PHE H 316 -18.19 30.14 -7.41
CA PHE H 316 -17.56 28.84 -7.55
C PHE H 316 -18.58 27.81 -8.02
N SER H 317 -18.22 26.54 -7.95
CA SER H 317 -19.13 25.45 -8.27
C SER H 317 -20.05 25.16 -7.08
N GLU H 318 -20.83 24.10 -7.19
CA GLU H 318 -21.72 23.68 -6.11
C GLU H 318 -21.55 22.23 -5.72
N GLU H 319 -21.27 21.34 -6.68
CA GLU H 319 -21.10 19.92 -6.39
C GLU H 319 -19.84 19.66 -5.59
N ARG H 320 -18.75 20.37 -5.92
CA ARG H 320 -17.46 20.18 -5.26
C ARG H 320 -17.50 20.65 -3.81
N ILE H 321 -18.02 21.86 -3.59
CA ILE H 321 -18.14 22.43 -2.26
C ILE H 321 -19.18 21.66 -1.43
N ARG H 322 -20.29 21.23 -2.07
CA ARG H 322 -21.31 20.46 -1.37
C ARG H 322 -20.80 19.08 -0.97
N SER H 323 -19.99 18.45 -1.81
CA SER H 323 -19.34 17.20 -1.44
C SER H 323 -18.32 17.39 -0.33
N GLY H 324 -17.62 18.54 -0.32
CA GLY H 324 -16.72 18.84 0.78
C GLY H 324 -17.42 19.05 2.11
N VAL H 325 -18.55 19.76 2.10
CA VAL H 325 -19.32 19.97 3.33
C VAL H 325 -19.97 18.67 3.79
N LYS H 326 -20.38 17.81 2.84
CA LYS H 326 -20.89 16.48 3.17
C LYS H 326 -19.80 15.61 3.78
N ARG H 327 -18.56 15.73 3.28
CA ARG H 327 -17.44 15.01 3.87
C ARG H 327 -17.11 15.52 5.28
N LEU H 328 -17.22 16.84 5.49
CA LEU H 328 -17.00 17.40 6.82
C LEU H 328 -18.08 16.95 7.79
N SER H 329 -19.33 16.88 7.34
CA SER H 329 -20.42 16.44 8.20
C SER H 329 -20.36 14.94 8.48
N LYS H 330 -19.86 14.16 7.52
CA LYS H 330 -19.67 12.73 7.76
C LYS H 330 -18.51 12.49 8.73
N SER H 331 -17.43 13.27 8.59
CA SER H 331 -16.26 13.06 9.43
C SER H 331 -16.44 13.61 10.84
N ARG H 332 -17.19 14.71 10.99
CA ARG H 332 -17.43 15.27 12.31
C ARG H 332 -18.38 14.40 13.12
N GLN H 333 -19.48 13.97 12.51
CA GLN H 333 -20.45 13.14 13.19
C GLN H 333 -19.92 11.73 13.34
N GLY H 334 -19.30 11.44 14.47
CA GLY H 334 -18.73 10.14 14.70
C GLY H 334 -18.22 10.02 16.12
N SER H 335 -17.63 8.86 16.41
CA SER H 335 -17.08 8.57 17.72
C SER H 335 -15.64 9.08 17.78
N THR H 336 -15.34 9.87 18.81
CA THR H 336 -14.00 10.38 19.00
C THR H 336 -13.09 9.25 19.52
N GLN H 337 -11.94 9.09 18.88
CA GLN H 337 -11.04 8.00 19.21
C GLN H 337 -10.32 8.27 20.53
N GLY H 338 -10.36 7.31 21.43
CA GLY H 338 -9.68 7.45 22.70
C GLY H 338 -8.17 7.31 22.55
N ARG H 339 -7.46 7.73 23.59
CA ARG H 339 -6.01 7.78 23.56
C ARG H 339 -5.47 6.85 24.63
N LEU H 340 -4.40 6.13 24.30
CA LEU H 340 -3.87 5.12 25.20
C LEU H 340 -3.11 5.72 26.38
N ASP H 341 -2.69 6.98 26.29
CA ASP H 341 -2.05 7.64 27.42
C ASP H 341 -3.03 7.94 28.55
N ASP H 342 -4.33 7.99 28.24
CA ASP H 342 -5.34 8.25 29.25
C ASP H 342 -5.56 7.04 30.15
N PHE H 343 -5.39 5.83 29.62
CA PHE H 343 -5.71 4.61 30.34
C PHE H 343 -4.52 4.04 31.10
N PHE H 344 -3.39 3.84 30.42
CA PHE H 344 -2.20 3.27 31.03
C PHE H 344 -1.24 4.40 31.38
N LYS H 345 -0.85 4.49 32.64
CA LYS H 345 0.09 5.51 33.08
C LYS H 345 1.50 5.13 32.68
N VAL H 346 2.30 6.14 32.32
CA VAL H 346 3.70 5.93 31.92
C VAL H 346 4.50 5.69 33.19
N THR H 347 4.79 4.43 33.49
CA THR H 347 5.54 4.05 34.68
C THR H 347 7.05 4.09 34.47
N GLY H 348 7.50 4.42 33.27
CA GLY H 348 8.93 4.53 33.04
C GLY H 348 9.21 4.74 31.56
N SER H 349 10.48 4.92 31.27
CA SER H 349 10.97 5.08 29.91
C SER H 349 12.18 4.19 29.71
N LEU H 350 12.37 3.74 28.48
CA LEU H 350 13.45 2.83 28.14
C LEU H 350 14.25 3.39 26.99
N SER H 351 15.56 3.52 27.18
CA SER H 351 16.47 4.00 26.16
C SER H 351 17.36 2.87 25.70
N SER H 352 17.70 2.88 24.41
CA SER H 352 18.50 1.83 23.82
C SER H 352 19.95 2.00 24.24
N ALA H 353 20.40 1.16 25.16
CA ALA H 353 21.77 1.23 25.67
C ALA H 353 22.53 -0.04 25.31
#